data_8YC1
#
_entry.id   8YC1
#
_cell.length_a   98.840
_cell.length_b   98.840
_cell.length_c   144.050
_cell.angle_alpha   90.00
_cell.angle_beta   90.00
_cell.angle_gamma   120.00
#
_symmetry.space_group_name_H-M   'P 31 2 1'
#
loop_
_entity.id
_entity.type
_entity.pdbx_description
1 polymer 'Acid phosphatase'
2 non-polymer GLYCEROL
#
_entity_poly.entity_id   1
_entity_poly.type   'polypeptide(L)'
_entity_poly.pdbx_seq_one_letter_code
;HHHHHHSSGLVPRGSHMASMTGGQQMGRGSEFSIPPGNDVTTKPDLYYLTNDNAIDSLALLPPPPQIGSIAFLNDQAMYE
KGRLLRNTERGKLAAEDANLSSGGVANVFSAAFGSPITAKDSPELHKLLTNMIRDAGDLATRSAKEYYMRIRPFAFYGVS
TCNTKEQDKLSKNGSYPSGHTSIGWATALVLSEINPARQDTILKRGYELGDSRVICGYHWQSDVDAARIVGSAIVATLHS
NPVFQAQLQKAKDEFANNQKK
;
_entity_poly.pdbx_strand_id   A,B,C
#
# COMPACT_ATOMS: atom_id res chain seq x y z
N SER A 33 30.84 -11.83 9.37
CA SER A 33 31.40 -10.54 9.77
C SER A 33 31.81 -9.67 8.58
N ILE A 34 31.95 -8.37 8.85
CA ILE A 34 32.06 -7.27 7.88
C ILE A 34 33.35 -7.37 7.06
N PRO A 35 33.33 -6.99 5.78
CA PRO A 35 34.59 -6.79 5.02
C PRO A 35 35.45 -5.68 5.62
N PRO A 36 36.71 -5.58 5.20
CA PRO A 36 37.60 -4.56 5.76
C PRO A 36 37.26 -3.15 5.30
N GLY A 37 37.67 -2.18 6.11
CA GLY A 37 37.45 -0.79 5.80
C GLY A 37 37.71 0.07 7.01
N ASN A 38 37.49 1.36 6.83
CA ASN A 38 37.68 2.33 7.89
C ASN A 38 36.64 2.15 8.99
N ASP A 39 36.98 2.62 10.17
CA ASP A 39 36.05 2.72 11.30
C ASP A 39 36.56 3.84 12.22
N VAL A 40 36.18 3.82 13.50
CA VAL A 40 36.59 4.85 14.43
C VAL A 40 38.11 4.80 14.62
N THR A 41 38.71 3.62 14.51
CA THR A 41 40.14 3.52 14.73
C THR A 41 40.97 4.14 13.61
N THR A 42 40.39 4.45 12.46
CA THR A 42 41.17 5.12 11.42
C THR A 42 40.63 6.47 11.01
N LYS A 43 39.34 6.77 11.21
CA LYS A 43 38.78 8.09 10.96
C LYS A 43 37.81 8.46 12.10
N PRO A 44 38.35 8.80 13.26
CA PRO A 44 37.50 9.01 14.45
C PRO A 44 36.68 10.28 14.38
N ASP A 45 36.82 11.09 13.36
CA ASP A 45 35.91 12.20 13.13
C ASP A 45 34.71 11.84 12.29
N LEU A 46 34.69 10.65 11.73
CA LEU A 46 33.63 10.26 10.84
C LEU A 46 32.94 8.98 11.29
N TYR A 47 33.53 8.25 12.27
CA TYR A 47 32.87 7.11 12.89
C TYR A 47 32.96 7.23 14.40
N TYR A 48 31.94 6.69 15.06
CA TYR A 48 31.98 6.37 16.48
C TYR A 48 32.29 4.90 16.73
N LEU A 49 32.07 4.05 15.73
CA LEU A 49 32.05 2.62 15.92
C LEU A 49 33.25 1.95 15.28
N THR A 50 33.64 0.80 15.83
CA THR A 50 34.61 -0.10 15.25
C THR A 50 33.94 -1.02 14.23
N ASN A 51 34.77 -1.70 13.41
CA ASN A 51 34.23 -2.70 12.49
C ASN A 51 33.51 -3.82 13.24
N ASP A 52 33.96 -4.13 14.46
CA ASP A 52 33.35 -5.23 15.20
C ASP A 52 31.97 -4.90 15.73
N ASN A 53 31.69 -3.62 16.02
CA ASN A 53 30.37 -3.21 16.49
C ASN A 53 29.35 -3.05 15.35
N ALA A 54 29.76 -3.13 14.10
CA ALA A 54 28.82 -2.86 13.02
C ALA A 54 27.79 -3.97 12.86
N ILE A 55 26.59 -3.56 12.48
CA ILE A 55 25.54 -4.47 12.05
C ILE A 55 26.04 -5.32 10.89
N ASP A 56 25.67 -6.59 10.88
CA ASP A 56 25.88 -7.41 9.67
C ASP A 56 24.67 -7.21 8.75
N SER A 57 24.77 -6.25 7.84
CA SER A 57 23.62 -5.99 7.00
C SER A 57 23.34 -7.17 6.07
N LEU A 58 24.38 -7.90 5.69
CA LEU A 58 24.18 -9.04 4.81
C LEU A 58 23.32 -10.11 5.47
N ALA A 59 23.50 -10.29 6.79
CA ALA A 59 22.70 -11.29 7.50
C ALA A 59 21.31 -10.78 7.83
N LEU A 60 21.18 -9.48 8.08
CA LEU A 60 19.92 -8.93 8.56
C LEU A 60 18.90 -8.79 7.44
N LEU A 61 19.34 -8.21 6.27
CA LEU A 61 18.45 -7.84 5.16
C LEU A 61 18.10 -9.03 4.27
N PRO A 62 16.94 -9.01 3.66
CA PRO A 62 16.67 -9.93 2.54
C PRO A 62 17.51 -9.52 1.35
N PRO A 63 17.70 -10.43 0.40
CA PRO A 63 18.39 -10.06 -0.85
C PRO A 63 17.59 -9.01 -1.59
N PRO A 64 18.21 -8.25 -2.46
CA PRO A 64 17.45 -7.30 -3.27
C PRO A 64 16.50 -8.06 -4.18
N PRO A 65 15.46 -7.41 -4.69
CA PRO A 65 14.61 -8.07 -5.70
C PRO A 65 15.44 -8.58 -6.86
N GLN A 66 15.21 -9.82 -7.25
CA GLN A 66 15.91 -10.43 -8.39
C GLN A 66 15.18 -10.19 -9.69
N ILE A 67 15.96 -9.95 -10.75
CA ILE A 67 15.41 -9.79 -12.09
C ILE A 67 14.67 -11.05 -12.48
N GLY A 68 13.39 -10.93 -12.83
CA GLY A 68 12.49 -12.04 -13.03
C GLY A 68 11.37 -12.07 -12.04
N SER A 69 11.48 -11.31 -10.98
CA SER A 69 10.54 -11.24 -9.89
C SER A 69 9.51 -10.12 -10.11
N ILE A 70 8.36 -10.28 -9.46
CA ILE A 70 7.37 -9.22 -9.49
C ILE A 70 7.93 -7.97 -8.84
N ALA A 71 8.65 -8.15 -7.73
CA ALA A 71 9.22 -7.01 -7.01
C ALA A 71 10.14 -6.21 -7.91
N PHE A 72 10.83 -6.86 -8.85
CA PHE A 72 11.65 -6.03 -9.71
C PHE A 72 10.82 -5.30 -10.76
N LEU A 73 9.70 -5.87 -11.23
CA LEU A 73 8.79 -5.07 -12.03
C LEU A 73 8.38 -3.83 -11.27
N ASN A 74 8.18 -3.95 -9.95
CA ASN A 74 7.74 -2.76 -9.23
C ASN A 74 8.86 -1.71 -9.12
N ASP A 75 10.10 -2.17 -8.88
CA ASP A 75 11.24 -1.26 -8.92
C ASP A 75 11.33 -0.53 -10.27
N GLN A 76 11.06 -1.23 -11.36
CA GLN A 76 11.10 -0.56 -12.66
C GLN A 76 9.97 0.47 -12.78
N ALA A 77 8.78 0.10 -12.33
CA ALA A 77 7.69 1.06 -12.38
C ALA A 77 8.02 2.29 -11.55
N MET A 78 8.63 2.10 -10.37
CA MET A 78 8.94 3.24 -9.51
C MET A 78 10.04 4.11 -10.10
N TYR A 79 10.98 3.50 -10.83
CA TYR A 79 11.95 4.29 -11.57
C TYR A 79 11.26 5.18 -12.59
N GLU A 80 10.29 4.62 -13.34
CA GLU A 80 9.60 5.45 -14.34
C GLU A 80 8.76 6.54 -13.70
N LYS A 81 8.05 6.20 -12.63
CA LYS A 81 7.23 7.21 -11.96
C LYS A 81 8.11 8.35 -11.47
N GLY A 82 9.30 8.02 -10.95
CA GLY A 82 10.22 9.06 -10.53
C GLY A 82 10.76 9.88 -11.68
N ARG A 83 11.04 9.23 -12.82
CA ARG A 83 11.61 9.92 -13.97
C ARG A 83 10.64 10.99 -14.50
N LEU A 84 9.35 10.63 -14.65
CA LEU A 84 8.37 11.61 -15.10
C LEU A 84 8.22 12.79 -14.14
N LEU A 85 8.71 12.68 -12.92
CA LEU A 85 8.62 13.79 -11.96
C LEU A 85 9.79 14.76 -12.02
N ARG A 86 10.87 14.43 -12.74
CA ARG A 86 12.07 15.25 -12.66
C ARG A 86 11.83 16.71 -13.07
N ASN A 87 10.82 16.98 -13.91
CA ASN A 87 10.56 18.35 -14.35
C ASN A 87 9.46 19.05 -13.58
N THR A 88 9.30 18.77 -12.30
CA THR A 88 8.29 19.42 -11.49
C THR A 88 8.95 20.04 -10.26
N GLU A 89 8.14 20.68 -9.41
CA GLU A 89 8.69 21.18 -8.15
C GLU A 89 9.37 20.07 -7.38
N ARG A 90 8.69 18.93 -7.25
CA ARG A 90 9.28 17.81 -6.52
C ARG A 90 10.58 17.37 -7.17
N GLY A 91 10.66 17.44 -8.50
CA GLY A 91 11.91 17.12 -9.16
C GLY A 91 12.98 18.15 -8.88
N LYS A 92 12.57 19.41 -8.72
CA LYS A 92 13.52 20.45 -8.36
C LYS A 92 14.13 20.13 -7.01
N LEU A 93 13.29 19.90 -6.01
CA LEU A 93 13.78 19.56 -4.68
C LEU A 93 14.62 18.28 -4.72
N ALA A 94 14.18 17.28 -5.46
CA ALA A 94 14.94 16.04 -5.55
C ALA A 94 16.35 16.30 -6.04
N ALA A 95 16.50 17.14 -7.07
CA ALA A 95 17.81 17.42 -7.61
C ALA A 95 18.67 18.20 -6.62
N GLU A 96 18.05 19.15 -5.90
CA GLU A 96 18.78 19.87 -4.85
C GLU A 96 19.23 18.95 -3.71
N ASP A 97 18.43 17.94 -3.37
CA ASP A 97 18.77 17.02 -2.30
C ASP A 97 19.93 16.09 -2.67
N ALA A 98 20.10 15.79 -3.95
CA ALA A 98 21.19 14.94 -4.41
C ALA A 98 22.49 15.70 -4.64
N ASN A 99 22.51 17.03 -4.51
CA ASN A 99 23.77 17.76 -4.47
C ASN A 99 24.56 17.42 -3.22
N LEU A 100 23.89 17.41 -2.08
CA LEU A 100 24.51 17.22 -0.77
C LEU A 100 25.59 16.16 -0.80
N SER A 101 26.84 16.55 -0.56
CA SER A 101 27.78 15.56 -0.07
C SER A 101 27.31 15.10 1.30
N SER A 102 28.10 14.24 1.95
CA SER A 102 27.74 13.79 3.28
C SER A 102 27.59 14.97 4.25
N GLY A 103 28.62 15.81 4.34
CA GLY A 103 28.65 16.79 5.42
C GLY A 103 27.49 17.75 5.43
N GLY A 104 26.75 17.86 4.33
CA GLY A 104 25.66 18.82 4.28
C GLY A 104 24.29 18.26 4.61
N VAL A 105 24.20 16.99 4.99
CA VAL A 105 22.93 16.44 5.42
C VAL A 105 22.43 17.16 6.67
N ALA A 106 23.33 17.35 7.64
CA ALA A 106 23.04 18.25 8.75
C ALA A 106 22.25 19.46 8.27
N ASN A 107 22.81 20.21 7.34
CA ASN A 107 22.21 21.49 7.00
C ASN A 107 20.76 21.35 6.53
N VAL A 108 20.46 20.29 5.76
CA VAL A 108 19.17 20.24 5.08
C VAL A 108 18.05 19.90 6.04
N PHE A 109 18.38 19.61 7.30
CA PHE A 109 17.31 19.40 8.27
C PHE A 109 16.94 20.68 9.00
N SER A 110 17.62 21.79 8.70
CA SER A 110 17.45 22.99 9.52
C SER A 110 16.01 23.46 9.52
N ALA A 111 15.42 23.66 8.34
CA ALA A 111 14.03 24.11 8.29
C ALA A 111 13.13 23.19 9.12
N ALA A 112 13.32 21.87 8.96
CA ALA A 112 12.47 20.92 9.66
C ALA A 112 12.76 20.89 11.16
N PHE A 113 14.02 21.14 11.54
CA PHE A 113 14.41 21.05 12.94
C PHE A 113 13.89 22.24 13.73
N GLY A 114 13.68 23.38 13.05
CA GLY A 114 13.25 24.60 13.69
C GLY A 114 14.33 25.63 13.93
N SER A 115 15.59 25.29 13.69
CA SER A 115 16.70 26.22 13.88
C SER A 115 17.89 25.74 13.06
N PRO A 116 18.88 26.61 12.83
CA PRO A 116 19.99 26.27 11.93
C PRO A 116 20.96 25.25 12.54
N ILE A 117 21.32 24.25 11.75
CA ILE A 117 22.28 23.23 12.17
C ILE A 117 23.60 23.53 11.47
N THR A 118 24.54 24.09 12.23
CA THR A 118 25.78 24.60 11.67
C THR A 118 26.87 24.56 12.73
N ALA A 119 28.12 24.51 12.25
CA ALA A 119 29.26 24.65 13.15
C ALA A 119 29.18 25.93 13.96
N LYS A 120 28.70 27.02 13.36
CA LYS A 120 28.63 28.30 14.07
C LYS A 120 27.51 28.31 15.11
N ASP A 121 26.29 27.98 14.69
CA ASP A 121 25.10 28.24 15.47
C ASP A 121 24.75 27.14 16.49
N SER A 122 25.16 25.89 16.24
CA SER A 122 24.88 24.77 17.14
C SER A 122 26.04 23.77 17.03
N PRO A 123 27.21 24.17 17.54
CA PRO A 123 28.41 23.35 17.27
C PRO A 123 28.34 21.95 17.85
N GLU A 124 27.70 21.76 19.01
CA GLU A 124 27.69 20.44 19.60
C GLU A 124 26.83 19.50 18.77
N LEU A 125 25.68 20.00 18.31
CA LEU A 125 24.80 19.23 17.45
C LEU A 125 25.46 18.91 16.11
N HIS A 126 26.12 19.89 15.50
CA HIS A 126 26.78 19.61 14.24
C HIS A 126 27.87 18.58 14.44
N LYS A 127 28.51 18.61 15.60
CA LYS A 127 29.62 17.69 15.81
C LYS A 127 29.08 16.29 15.98
N LEU A 128 27.99 16.15 16.75
CA LEU A 128 27.28 14.90 16.92
C LEU A 128 26.93 14.29 15.57
N LEU A 129 26.32 15.10 14.69
CA LEU A 129 25.83 14.59 13.40
C LEU A 129 26.97 14.29 12.45
N THR A 130 28.05 15.08 12.50
CA THR A 130 29.18 14.75 11.64
C THR A 130 29.92 13.52 12.15
N ASN A 131 29.97 13.28 13.47
CA ASN A 131 30.85 12.19 13.86
C ASN A 131 30.28 10.83 13.49
N MET A 132 28.99 10.78 13.16
CA MET A 132 28.30 9.52 12.91
C MET A 132 28.00 9.23 11.44
N ILE A 133 28.43 10.10 10.51
CA ILE A 133 27.95 9.99 9.15
C ILE A 133 28.39 8.66 8.52
N ARG A 134 29.60 8.22 8.77
CA ARG A 134 30.01 6.95 8.17
C ARG A 134 29.59 5.73 8.98
N ASP A 135 29.13 5.90 10.22
CA ASP A 135 28.52 4.75 10.90
C ASP A 135 27.25 4.31 10.16
N ALA A 136 26.40 5.28 9.82
CA ALA A 136 25.17 4.98 9.09
C ALA A 136 25.45 4.75 7.61
N GLY A 137 26.37 5.54 7.02
CA GLY A 137 26.63 5.47 5.60
C GLY A 137 27.47 4.29 5.17
N ASP A 138 28.43 3.88 5.99
CA ASP A 138 29.37 2.83 5.60
C ASP A 138 29.19 1.55 6.41
N LEU A 139 29.35 1.60 7.74
CA LEU A 139 29.31 0.37 8.54
C LEU A 139 27.96 -0.32 8.48
N ALA A 140 26.88 0.45 8.59
CA ALA A 140 25.55 -0.15 8.52
C ALA A 140 25.30 -0.91 7.22
N THR A 141 26.01 -0.56 6.14
CA THR A 141 25.66 -1.04 4.81
C THR A 141 26.70 -1.97 4.19
N ARG A 142 27.86 -2.13 4.82
CA ARG A 142 29.01 -2.55 4.02
C ARG A 142 28.88 -4.00 3.56
N SER A 143 28.63 -4.94 4.48
CA SER A 143 28.64 -6.34 4.07
C SER A 143 27.62 -6.57 2.95
N ALA A 144 26.47 -5.90 3.03
CA ALA A 144 25.48 -6.11 1.98
C ALA A 144 25.89 -5.43 0.67
N LYS A 145 26.30 -4.14 0.71
CA LYS A 145 26.72 -3.45 -0.53
C LYS A 145 27.73 -4.34 -1.27
N GLU A 146 28.73 -4.81 -0.54
CA GLU A 146 29.82 -5.51 -1.19
C GLU A 146 29.43 -6.92 -1.57
N TYR A 147 28.44 -7.49 -0.90
CA TYR A 147 28.08 -8.84 -1.30
C TYR A 147 27.24 -8.85 -2.59
N TYR A 148 26.21 -7.98 -2.69
CA TYR A 148 25.34 -7.99 -3.87
C TYR A 148 25.84 -7.11 -5.02
N MET A 149 26.66 -6.10 -4.74
CA MET A 149 27.09 -5.12 -5.75
C MET A 149 25.99 -4.87 -6.76
N ARG A 150 24.83 -4.43 -6.28
CA ARG A 150 23.70 -4.22 -7.18
C ARG A 150 23.97 -3.07 -8.12
N ILE A 151 23.56 -3.23 -9.38
CA ILE A 151 23.65 -2.13 -10.33
C ILE A 151 22.63 -1.06 -10.01
N ARG A 152 23.04 0.19 -10.10
CA ARG A 152 22.14 1.33 -9.92
C ARG A 152 21.24 1.53 -11.14
N PRO A 153 20.09 2.21 -10.94
CA PRO A 153 19.12 2.38 -12.06
C PRO A 153 19.68 3.16 -13.25
N PHE A 154 20.38 4.26 -13.02
CA PHE A 154 20.89 5.01 -14.16
C PHE A 154 21.89 4.17 -14.95
N ALA A 155 22.66 3.32 -14.26
CA ALA A 155 23.58 2.45 -14.98
C ALA A 155 22.83 1.37 -15.73
N PHE A 156 21.78 0.83 -15.10
CA PHE A 156 20.95 -0.21 -15.71
C PHE A 156 20.29 0.29 -17.00
N TYR A 157 19.81 1.52 -16.98
CA TYR A 157 19.11 2.10 -18.12
C TYR A 157 20.01 2.87 -19.09
N GLY A 158 21.32 2.97 -18.83
CA GLY A 158 22.22 3.73 -19.69
C GLY A 158 21.93 5.20 -19.90
N VAL A 159 21.43 5.90 -18.89
CA VAL A 159 21.05 7.31 -19.02
C VAL A 159 21.50 8.07 -17.78
N SER A 160 21.44 9.40 -17.87
CA SER A 160 21.92 10.22 -16.76
C SER A 160 20.82 10.43 -15.73
N THR A 161 21.25 10.69 -14.49
CA THR A 161 20.35 11.11 -13.41
C THR A 161 19.92 12.56 -13.61
N CYS A 162 19.16 13.10 -12.65
CA CYS A 162 18.74 14.50 -12.77
C CYS A 162 19.75 15.51 -12.21
N ASN A 163 20.89 15.03 -11.68
CA ASN A 163 22.01 15.89 -11.33
C ASN A 163 23.29 15.10 -11.65
N THR A 164 23.95 15.46 -12.77
CA THR A 164 25.05 14.65 -13.30
C THR A 164 26.40 14.90 -12.60
N LYS A 165 26.41 15.54 -11.43
CA LYS A 165 27.64 15.98 -10.78
C LYS A 165 28.30 14.90 -9.93
N GLU A 166 27.50 14.07 -9.24
CA GLU A 166 27.98 13.04 -8.32
C GLU A 166 28.04 11.67 -8.97
N GLN A 167 27.60 11.58 -10.22
CA GLN A 167 27.33 10.33 -10.92
C GLN A 167 28.53 9.38 -10.99
N ASP A 168 29.63 9.84 -11.61
CA ASP A 168 30.71 8.93 -12.01
C ASP A 168 31.19 8.09 -10.85
N LYS A 169 31.43 8.75 -9.73
CA LYS A 169 31.70 8.15 -8.44
C LYS A 169 30.81 6.95 -8.16
N LEU A 170 29.49 7.17 -8.24
CA LEU A 170 28.57 6.16 -7.73
C LEU A 170 28.35 4.99 -8.69
N SER A 171 28.46 5.20 -10.01
CA SER A 171 28.00 4.17 -10.96
C SER A 171 28.49 2.77 -10.57
N LYS A 172 29.77 2.64 -10.25
CA LYS A 172 30.42 1.35 -10.03
C LYS A 172 30.01 0.71 -8.71
N ASN A 173 29.33 1.46 -7.85
CA ASN A 173 28.99 1.03 -6.50
C ASN A 173 27.91 -0.05 -6.51
N GLY A 174 27.70 -0.60 -5.32
CA GLY A 174 26.53 -1.42 -5.05
C GLY A 174 25.39 -0.51 -4.63
N SER A 175 24.25 -0.69 -5.28
CA SER A 175 23.11 0.19 -5.03
C SER A 175 22.41 -0.15 -3.72
N TYR A 176 22.50 -1.41 -3.29
CA TYR A 176 21.67 -2.01 -2.26
C TYR A 176 22.48 -2.34 -1.02
N PRO A 177 22.13 -1.81 0.15
CA PRO A 177 21.14 -0.77 0.40
C PRO A 177 21.75 0.60 0.18
N SER A 178 20.94 1.67 0.15
CA SER A 178 21.44 3.03 -0.11
C SER A 178 22.15 3.62 1.12
N GLY A 179 23.42 3.99 0.98
CA GLY A 179 24.12 4.56 2.11
C GLY A 179 23.62 5.95 2.45
N HIS A 180 23.37 6.77 1.42
CA HIS A 180 22.78 8.09 1.61
C HIS A 180 21.46 8.03 2.40
N THR A 181 20.56 7.11 2.03
CA THR A 181 19.27 7.08 2.72
C THR A 181 19.44 6.60 4.15
N SER A 182 20.42 5.71 4.36
CA SER A 182 20.70 5.26 5.71
C SER A 182 21.16 6.42 6.58
N ILE A 183 22.06 7.26 6.05
CA ILE A 183 22.48 8.45 6.78
C ILE A 183 21.27 9.32 7.12
N GLY A 184 20.45 9.62 6.12
CA GLY A 184 19.34 10.54 6.32
C GLY A 184 18.34 10.04 7.33
N TRP A 185 18.02 8.76 7.28
CA TRP A 185 17.02 8.30 8.21
C TRP A 185 17.58 8.20 9.63
N ALA A 186 18.84 7.76 9.80
CA ALA A 186 19.46 7.75 11.13
C ALA A 186 19.55 9.17 11.72
N THR A 187 19.96 10.12 10.90
CA THR A 187 19.98 11.51 11.34
C THR A 187 18.61 11.94 11.81
N ALA A 188 17.56 11.59 11.06
CA ALA A 188 16.21 11.99 11.46
C ALA A 188 15.83 11.38 12.81
N LEU A 189 16.22 10.14 13.04
CA LEU A 189 15.84 9.52 14.30
C LEU A 189 16.50 10.24 15.48
N VAL A 190 17.79 10.56 15.34
CA VAL A 190 18.50 11.26 16.41
C VAL A 190 17.91 12.67 16.63
N LEU A 191 17.74 13.42 15.53
CA LEU A 191 17.14 14.74 15.64
C LEU A 191 15.77 14.68 16.30
N SER A 192 14.98 13.64 15.99
CA SER A 192 13.68 13.48 16.65
C SER A 192 13.85 13.25 18.14
N GLU A 193 14.87 12.48 18.53
CA GLU A 193 15.09 12.27 19.96
C GLU A 193 15.41 13.59 20.66
N ILE A 194 16.00 14.53 19.95
CA ILE A 194 16.41 15.80 20.57
C ILE A 194 15.27 16.82 20.60
N ASN A 195 14.42 16.87 19.57
CA ASN A 195 13.36 17.87 19.46
C ASN A 195 12.05 17.17 19.13
N PRO A 196 11.47 16.43 20.09
CA PRO A 196 10.25 15.67 19.77
C PRO A 196 9.10 16.56 19.30
N ALA A 197 9.09 17.85 19.66
CA ALA A 197 8.05 18.77 19.23
C ALA A 197 7.91 18.83 17.72
N ARG A 198 8.96 18.51 16.96
CA ARG A 198 8.89 18.56 15.51
C ARG A 198 9.21 17.22 14.88
N GLN A 199 9.01 16.14 15.64
CA GLN A 199 9.20 14.79 15.13
C GLN A 199 8.59 14.66 13.74
N ASP A 200 7.34 15.09 13.62
CA ASP A 200 6.61 14.81 12.40
C ASP A 200 7.25 15.51 11.21
N THR A 201 7.70 16.75 11.39
CA THR A 201 8.31 17.33 10.22
C THR A 201 9.69 16.73 9.97
N ILE A 202 10.41 16.39 11.06
CA ILE A 202 11.77 15.89 10.88
C ILE A 202 11.73 14.55 10.17
N LEU A 203 10.89 13.63 10.66
CA LEU A 203 10.82 12.32 10.04
C LEU A 203 10.38 12.45 8.59
N LYS A 204 9.40 13.33 8.30
CA LYS A 204 9.00 13.48 6.92
C LYS A 204 10.20 13.87 6.08
N ARG A 205 10.95 14.85 6.56
CA ARG A 205 12.07 15.30 5.78
C ARG A 205 13.02 14.14 5.56
N GLY A 206 13.29 13.36 6.62
CA GLY A 206 14.19 12.24 6.46
C GLY A 206 13.65 11.24 5.47
N TYR A 207 12.36 10.92 5.60
CA TYR A 207 11.73 10.02 4.65
C TYR A 207 11.92 10.55 3.24
N GLU A 208 11.67 11.85 3.04
CA GLU A 208 11.68 12.34 1.67
C GLU A 208 13.06 12.35 1.05
N LEU A 209 14.12 12.36 1.87
CA LEU A 209 15.45 12.29 1.26
C LEU A 209 15.57 11.03 0.44
N GLY A 210 15.06 9.91 0.98
CA GLY A 210 15.12 8.67 0.24
C GLY A 210 14.34 8.76 -1.06
N ASP A 211 13.14 9.32 -0.99
CA ASP A 211 12.39 9.42 -2.23
C ASP A 211 13.15 10.25 -3.26
N SER A 212 13.92 11.24 -2.83
CA SER A 212 14.60 12.04 -3.84
C SER A 212 15.60 11.19 -4.59
N ARG A 213 16.28 10.29 -3.88
CA ARG A 213 17.25 9.40 -4.53
C ARG A 213 16.57 8.49 -5.54
N VAL A 214 15.30 8.16 -5.30
CA VAL A 214 14.53 7.42 -6.28
C VAL A 214 14.16 8.32 -7.45
N ILE A 215 13.68 9.53 -7.16
CA ILE A 215 13.24 10.41 -8.24
C ILE A 215 14.37 10.68 -9.21
N CYS A 216 15.60 10.80 -8.74
CA CYS A 216 16.65 11.12 -9.71
C CYS A 216 17.26 9.89 -10.32
N GLY A 217 16.92 8.69 -9.86
CA GLY A 217 17.48 7.51 -10.50
C GLY A 217 18.75 7.01 -9.87
N TYR A 218 19.11 7.52 -8.70
CA TYR A 218 20.34 7.09 -8.06
C TYR A 218 20.17 5.74 -7.41
N HIS A 219 18.94 5.40 -7.01
CA HIS A 219 18.71 4.16 -6.31
C HIS A 219 17.36 3.61 -6.71
N TRP A 220 17.23 2.29 -6.66
CA TRP A 220 15.94 1.66 -6.74
C TRP A 220 15.19 1.87 -5.44
N GLN A 221 13.86 1.79 -5.54
CA GLN A 221 13.00 1.92 -4.37
C GLN A 221 13.38 0.92 -3.28
N SER A 222 13.62 -0.33 -3.67
CA SER A 222 13.96 -1.31 -2.64
C SER A 222 15.32 -1.03 -1.98
N ASP A 223 16.24 -0.32 -2.65
CA ASP A 223 17.45 0.13 -1.96
C ASP A 223 17.11 1.07 -0.80
N VAL A 224 16.23 2.03 -1.05
CA VAL A 224 15.83 2.99 -0.01
C VAL A 224 15.13 2.27 1.13
N ASP A 225 14.23 1.35 0.77
CA ASP A 225 13.50 0.59 1.77
C ASP A 225 14.43 -0.17 2.71
N ALA A 226 15.46 -0.81 2.19
CA ALA A 226 16.36 -1.52 3.11
C ALA A 226 17.28 -0.56 3.87
N ALA A 227 17.66 0.56 3.24
CA ALA A 227 18.49 1.52 3.95
C ALA A 227 17.81 2.02 5.21
N ARG A 228 16.49 2.17 5.20
CA ARG A 228 15.88 2.69 6.44
C ARG A 228 15.91 1.68 7.59
N ILE A 229 15.94 0.39 7.28
CA ILE A 229 16.08 -0.62 8.32
C ILE A 229 17.48 -0.59 8.91
N VAL A 230 18.50 -0.69 8.05
CA VAL A 230 19.85 -0.70 8.63
C VAL A 230 20.15 0.63 9.30
N GLY A 231 19.57 1.73 8.82
CA GLY A 231 19.70 3.00 9.52
C GLY A 231 19.18 2.92 10.95
N SER A 232 17.98 2.34 11.12
CA SER A 232 17.45 2.18 12.48
C SER A 232 18.37 1.33 13.35
N ALA A 233 18.84 0.21 12.79
CA ALA A 233 19.71 -0.66 13.58
C ALA A 233 20.94 0.10 14.05
N ILE A 234 21.55 0.87 13.14
CA ILE A 234 22.78 1.57 13.50
C ILE A 234 22.50 2.64 14.54
N VAL A 235 21.30 3.21 14.55
CA VAL A 235 21.04 4.16 15.63
C VAL A 235 20.96 3.44 16.97
N ALA A 236 20.43 2.22 16.96
CA ALA A 236 20.41 1.47 18.21
C ALA A 236 21.82 1.19 18.70
N THR A 237 22.69 0.73 17.78
CA THR A 237 24.08 0.46 18.16
C THR A 237 24.74 1.70 18.73
N LEU A 238 24.60 2.84 18.05
CA LEU A 238 25.19 4.08 18.53
C LEU A 238 24.76 4.40 19.95
N HIS A 239 23.51 4.09 20.29
CA HIS A 239 23.06 4.44 21.65
C HIS A 239 23.73 3.58 22.73
N SER A 240 24.51 2.57 22.36
CA SER A 240 25.28 1.76 23.30
C SER A 240 26.73 2.21 23.44
N ASN A 241 27.13 3.27 22.75
CA ASN A 241 28.52 3.70 22.68
C ASN A 241 28.76 4.92 23.56
N PRO A 242 29.74 4.86 24.47
CA PRO A 242 29.92 5.97 25.42
C PRO A 242 30.21 7.33 24.79
N VAL A 243 31.06 7.38 23.76
CA VAL A 243 31.41 8.68 23.17
C VAL A 243 30.18 9.32 22.54
N PHE A 244 29.43 8.52 21.76
CA PHE A 244 28.14 8.98 21.24
C PHE A 244 27.21 9.44 22.35
N GLN A 245 27.00 8.62 23.38
CA GLN A 245 26.03 8.97 24.42
C GLN A 245 26.36 10.35 24.97
N ALA A 246 27.64 10.54 25.31
CA ALA A 246 28.08 11.78 25.92
C ALA A 246 27.85 12.96 24.99
N GLN A 247 28.27 12.83 23.73
CA GLN A 247 28.11 13.94 22.81
C GLN A 247 26.63 14.27 22.60
N LEU A 248 25.79 13.23 22.57
CA LEU A 248 24.36 13.44 22.47
C LEU A 248 23.85 14.28 23.63
N GLN A 249 24.37 14.01 24.83
CA GLN A 249 23.95 14.80 25.99
C GLN A 249 24.37 16.25 25.82
N LYS A 250 25.59 16.48 25.34
CA LYS A 250 26.04 17.85 25.10
C LYS A 250 25.10 18.55 24.12
N ALA A 251 24.61 17.84 23.11
CA ALA A 251 23.76 18.46 22.11
C ALA A 251 22.39 18.78 22.66
N LYS A 252 21.83 17.87 23.47
CA LYS A 252 20.56 18.15 24.12
C LYS A 252 20.66 19.38 25.02
N ASP A 253 21.80 19.53 25.72
CA ASP A 253 21.98 20.71 26.59
C ASP A 253 22.13 21.99 25.77
N GLU A 254 22.90 21.93 24.70
CA GLU A 254 22.99 23.08 23.79
C GLU A 254 21.61 23.48 23.26
N PHE A 255 20.76 22.49 22.95
CA PHE A 255 19.47 22.81 22.35
C PHE A 255 18.53 23.42 23.38
N ALA A 256 18.58 22.93 24.62
CA ALA A 256 17.73 23.55 25.64
C ALA A 256 18.19 24.97 25.93
N ASN A 257 19.49 25.26 25.87
CA ASN A 257 19.93 26.64 26.10
C ASN A 257 19.60 27.56 24.95
N ASN A 258 19.56 27.06 23.71
CA ASN A 258 19.15 27.92 22.61
C ASN A 258 17.65 28.14 22.55
N GLN A 259 16.85 27.26 23.16
CA GLN A 259 15.41 27.54 23.24
C GLN A 259 15.09 28.69 24.20
N LYS A 260 16.04 29.13 25.03
CA LYS A 260 15.85 30.25 25.94
C LYS A 260 16.19 31.59 25.33
N LYS A 261 16.82 31.61 24.15
CA LYS A 261 17.00 32.85 23.40
C LYS A 261 15.79 33.12 22.50
N ILE B 34 -25.39 -12.40 -38.13
CA ILE B 34 -25.98 -12.79 -36.84
C ILE B 34 -26.21 -14.28 -36.61
N PRO B 35 -25.94 -14.86 -35.43
CA PRO B 35 -26.58 -16.16 -35.09
C PRO B 35 -28.09 -16.01 -34.96
N PRO B 36 -28.87 -17.09 -34.95
CA PRO B 36 -30.33 -16.92 -34.87
C PRO B 36 -30.84 -16.49 -33.47
N GLY B 37 -32.03 -15.90 -33.48
CA GLY B 37 -32.70 -15.47 -32.27
C GLY B 37 -33.85 -14.55 -32.59
N ASN B 38 -34.51 -14.09 -31.52
CA ASN B 38 -35.67 -13.20 -31.65
C ASN B 38 -35.25 -11.82 -32.18
N ASP B 39 -36.15 -11.14 -32.87
CA ASP B 39 -35.93 -9.76 -33.34
C ASP B 39 -37.28 -9.04 -33.41
N VAL B 40 -37.35 -7.99 -34.25
CA VAL B 40 -38.57 -7.18 -34.33
C VAL B 40 -39.74 -7.98 -34.89
N THR B 41 -39.46 -8.95 -35.76
CA THR B 41 -40.53 -9.73 -36.38
C THR B 41 -41.15 -10.77 -35.45
N THR B 42 -40.51 -11.11 -34.33
CA THR B 42 -41.05 -12.15 -33.44
C THR B 42 -41.41 -11.66 -32.04
N LYS B 43 -40.79 -10.59 -31.56
CA LYS B 43 -41.16 -9.97 -30.28
C LYS B 43 -41.13 -8.46 -30.51
N PRO B 44 -42.14 -7.91 -31.18
CA PRO B 44 -42.06 -6.50 -31.63
C PRO B 44 -42.22 -5.45 -30.52
N ASP B 45 -42.53 -5.85 -29.30
CA ASP B 45 -42.55 -4.93 -28.17
C ASP B 45 -41.17 -4.77 -27.53
N LEU B 46 -40.19 -5.54 -28.00
CA LEU B 46 -38.86 -5.54 -27.42
C LEU B 46 -37.76 -5.28 -28.42
N TYR B 47 -38.05 -5.28 -29.73
CA TYR B 47 -37.08 -4.92 -30.77
C TYR B 47 -37.66 -3.93 -31.76
N TYR B 48 -36.79 -3.06 -32.26
CA TYR B 48 -37.06 -2.26 -33.44
C TYR B 48 -36.40 -2.80 -34.70
N LEU B 49 -35.36 -3.64 -34.55
CA LEU B 49 -34.47 -4.06 -35.63
C LEU B 49 -34.66 -5.54 -35.97
N THR B 50 -34.35 -5.87 -37.23
CA THR B 50 -34.26 -7.24 -37.71
C THR B 50 -32.86 -7.83 -37.47
N ASN B 51 -32.74 -9.14 -37.68
CA ASN B 51 -31.44 -9.82 -37.58
C ASN B 51 -30.46 -9.34 -38.64
N ASP B 52 -30.94 -8.91 -39.81
CA ASP B 52 -30.06 -8.39 -40.86
C ASP B 52 -29.57 -6.99 -40.54
N ASN B 53 -30.34 -6.23 -39.73
CA ASN B 53 -29.94 -4.88 -39.36
C ASN B 53 -28.94 -4.86 -38.21
N ALA B 54 -28.75 -5.98 -37.51
CA ALA B 54 -27.94 -5.98 -36.30
C ALA B 54 -26.45 -5.86 -36.63
N ILE B 55 -25.75 -5.18 -35.72
CA ILE B 55 -24.29 -5.15 -35.73
C ILE B 55 -23.74 -6.56 -35.60
N ASP B 56 -22.69 -6.85 -36.37
CA ASP B 56 -21.90 -8.06 -36.16
C ASP B 56 -20.83 -7.75 -35.12
N SER B 57 -21.16 -8.07 -33.87
CA SER B 57 -20.25 -7.79 -32.77
C SER B 57 -19.00 -8.67 -32.85
N LEU B 58 -19.13 -9.89 -33.38
CA LEU B 58 -17.97 -10.74 -33.55
C LEU B 58 -16.99 -10.14 -34.54
N ALA B 59 -17.49 -9.42 -35.54
CA ALA B 59 -16.56 -8.80 -36.48
C ALA B 59 -15.93 -7.55 -35.89
N LEU B 60 -16.67 -6.81 -35.06
CA LEU B 60 -16.23 -5.50 -34.62
C LEU B 60 -15.25 -5.58 -33.43
N LEU B 61 -15.59 -6.37 -32.37
CA LEU B 61 -14.83 -6.36 -31.11
C LEU B 61 -13.57 -7.20 -31.23
N PRO B 62 -12.51 -6.85 -30.51
CA PRO B 62 -11.36 -7.74 -30.38
C PRO B 62 -11.69 -8.95 -29.54
N PRO B 63 -10.88 -9.99 -29.58
CA PRO B 63 -11.11 -11.14 -28.71
C PRO B 63 -11.06 -10.72 -27.25
N PRO B 64 -11.66 -11.48 -26.34
CA PRO B 64 -11.48 -11.18 -24.92
C PRO B 64 -10.05 -11.45 -24.50
N PRO B 65 -9.60 -10.85 -23.40
CA PRO B 65 -8.27 -11.20 -22.84
C PRO B 65 -8.16 -12.71 -22.59
N GLN B 66 -7.05 -13.28 -23.05
CA GLN B 66 -6.80 -14.70 -22.90
C GLN B 66 -6.09 -14.99 -21.58
N ILE B 67 -6.46 -16.11 -20.95
CA ILE B 67 -5.76 -16.58 -19.76
C ILE B 67 -4.29 -16.78 -20.12
N GLY B 68 -3.40 -16.15 -19.35
CA GLY B 68 -2.01 -16.08 -19.75
C GLY B 68 -1.60 -14.69 -20.11
N SER B 69 -2.56 -13.80 -20.31
CA SER B 69 -2.28 -12.45 -20.74
C SER B 69 -2.19 -11.52 -19.56
N ILE B 70 -1.47 -10.42 -19.77
CA ILE B 70 -1.42 -9.36 -18.78
C ILE B 70 -2.81 -8.76 -18.58
N ALA B 71 -3.52 -8.55 -19.68
CA ALA B 71 -4.86 -7.97 -19.55
C ALA B 71 -5.75 -8.86 -18.69
N PHE B 72 -5.57 -10.18 -18.74
CA PHE B 72 -6.40 -10.99 -17.85
C PHE B 72 -5.93 -10.92 -16.41
N LEU B 73 -4.65 -10.67 -16.17
CA LEU B 73 -4.27 -10.30 -14.81
C LEU B 73 -5.08 -9.12 -14.33
N ASN B 74 -5.27 -8.12 -15.19
CA ASN B 74 -6.01 -6.95 -14.75
C ASN B 74 -7.49 -7.26 -14.49
N ASP B 75 -8.12 -8.05 -15.37
CA ASP B 75 -9.49 -8.51 -15.09
C ASP B 75 -9.58 -9.16 -13.71
N GLN B 76 -8.60 -9.99 -13.35
CA GLN B 76 -8.65 -10.64 -12.04
C GLN B 76 -8.48 -9.64 -10.91
N ALA B 77 -7.56 -8.69 -11.06
CA ALA B 77 -7.44 -7.71 -10.00
C ALA B 77 -8.73 -6.93 -9.84
N MET B 78 -9.37 -6.55 -10.96
CA MET B 78 -10.59 -5.76 -10.87
C MET B 78 -11.75 -6.56 -10.27
N TYR B 79 -11.76 -7.86 -10.50
CA TYR B 79 -12.76 -8.70 -9.83
C TYR B 79 -12.57 -8.66 -8.33
N GLU B 80 -11.32 -8.79 -7.87
CA GLU B 80 -11.10 -8.75 -6.42
C GLU B 80 -11.42 -7.37 -5.87
N LYS B 81 -11.10 -6.31 -6.63
CA LYS B 81 -11.38 -4.96 -6.18
C LYS B 81 -12.88 -4.76 -5.99
N GLY B 82 -13.70 -5.27 -6.91
CA GLY B 82 -15.15 -5.17 -6.73
C GLY B 82 -15.64 -6.02 -5.57
N ARG B 83 -15.05 -7.20 -5.41
CA ARG B 83 -15.49 -8.09 -4.35
C ARG B 83 -15.32 -7.42 -2.99
N LEU B 84 -14.17 -6.77 -2.76
CA LEU B 84 -14.05 -6.07 -1.48
C LEU B 84 -15.03 -4.92 -1.35
N LEU B 85 -15.61 -4.45 -2.44
CA LEU B 85 -16.58 -3.37 -2.34
C LEU B 85 -17.99 -3.89 -2.06
N ARG B 86 -18.22 -5.17 -2.22
CA ARG B 86 -19.61 -5.69 -2.11
C ARG B 86 -20.24 -5.32 -0.76
N ASN B 87 -19.41 -5.03 0.24
CA ASN B 87 -19.94 -4.74 1.61
C ASN B 87 -20.22 -3.25 1.73
N THR B 88 -19.49 -2.44 0.97
CA THR B 88 -19.66 -0.98 1.04
C THR B 88 -21.08 -0.59 0.61
N GLU B 89 -21.43 0.68 0.73
CA GLU B 89 -22.74 1.16 0.26
C GLU B 89 -22.81 1.02 -1.26
N ARG B 90 -21.69 1.21 -1.95
CA ARG B 90 -21.64 1.12 -3.43
C ARG B 90 -22.04 -0.27 -3.86
N GLY B 91 -21.62 -1.25 -3.09
CA GLY B 91 -21.93 -2.64 -3.43
C GLY B 91 -23.40 -2.87 -3.22
N LYS B 92 -23.94 -2.17 -2.24
CA LYS B 92 -25.39 -2.26 -2.07
C LYS B 92 -26.11 -1.67 -3.28
N LEU B 93 -25.68 -0.49 -3.73
CA LEU B 93 -26.25 0.03 -4.96
C LEU B 93 -26.02 -0.95 -6.11
N ALA B 94 -24.84 -1.56 -6.19
CA ALA B 94 -24.56 -2.54 -7.22
C ALA B 94 -25.56 -3.69 -7.20
N ALA B 95 -25.87 -4.20 -6.00
CA ALA B 95 -26.77 -5.34 -5.91
C ALA B 95 -28.19 -4.95 -6.31
N GLU B 96 -28.64 -3.78 -5.87
CA GLU B 96 -29.97 -3.31 -6.28
C GLU B 96 -30.04 -3.10 -7.79
N ASP B 97 -28.94 -2.68 -8.41
CA ASP B 97 -28.90 -2.54 -9.86
C ASP B 97 -28.96 -3.90 -10.55
N ALA B 98 -28.38 -4.92 -9.93
CA ALA B 98 -28.39 -6.24 -10.55
C ALA B 98 -29.68 -7.01 -10.30
N ASN B 99 -30.58 -6.50 -9.45
CA ASN B 99 -31.91 -7.09 -9.40
C ASN B 99 -32.65 -6.91 -10.72
N LEU B 100 -32.61 -5.70 -11.27
CA LEU B 100 -33.32 -5.35 -12.49
C LEU B 100 -33.23 -6.43 -13.56
N SER B 101 -34.37 -7.01 -13.90
CA SER B 101 -34.51 -7.65 -15.21
C SER B 101 -34.43 -6.53 -16.25
N SER B 102 -34.67 -6.89 -17.51
CA SER B 102 -34.72 -5.86 -18.55
C SER B 102 -35.77 -4.80 -18.23
N GLY B 103 -37.02 -5.22 -18.01
CA GLY B 103 -38.18 -4.33 -17.87
C GLY B 103 -37.58 -3.79 -16.59
N GLY B 104 -37.60 -2.46 -16.40
CA GLY B 104 -37.07 -1.85 -15.20
C GLY B 104 -35.69 -1.20 -15.16
N VAL B 105 -35.03 -1.20 -16.31
CA VAL B 105 -33.73 -0.53 -16.43
C VAL B 105 -34.03 0.94 -16.69
N ALA B 106 -34.95 1.25 -17.61
CA ALA B 106 -35.46 2.60 -17.76
C ALA B 106 -35.62 3.31 -16.42
N ASN B 107 -36.36 2.66 -15.52
CA ASN B 107 -36.75 3.27 -14.26
C ASN B 107 -35.55 3.77 -13.45
N VAL B 108 -34.41 3.05 -13.50
CA VAL B 108 -33.31 3.34 -12.60
C VAL B 108 -32.61 4.62 -13.04
N PHE B 109 -33.07 5.20 -14.14
CA PHE B 109 -32.52 6.48 -14.56
C PHE B 109 -33.35 7.67 -14.07
N SER B 110 -34.43 7.41 -13.34
CA SER B 110 -35.34 8.51 -12.99
C SER B 110 -34.59 9.59 -12.22
N ALA B 111 -33.92 9.22 -11.12
CA ALA B 111 -33.21 10.25 -10.37
C ALA B 111 -32.27 11.00 -11.29
N ALA B 112 -31.51 10.26 -12.10
CA ALA B 112 -30.55 10.96 -12.95
C ALA B 112 -31.26 11.74 -14.05
N PHE B 113 -32.37 11.19 -14.56
CA PHE B 113 -33.02 11.83 -15.70
C PHE B 113 -33.72 13.12 -15.31
N GLY B 114 -34.12 13.25 -14.04
CA GLY B 114 -34.78 14.43 -13.53
C GLY B 114 -36.28 14.29 -13.30
N SER B 115 -36.89 13.20 -13.76
CA SER B 115 -38.31 12.97 -13.50
C SER B 115 -38.61 11.50 -13.72
N PRO B 116 -39.73 11.01 -13.20
CA PRO B 116 -39.96 9.56 -13.22
C PRO B 116 -40.20 9.06 -14.63
N ILE B 117 -39.53 7.95 -14.97
CA ILE B 117 -39.66 7.25 -16.23
C ILE B 117 -40.46 5.98 -15.96
N THR B 118 -41.74 5.99 -16.30
CA THR B 118 -42.65 4.90 -15.97
C THR B 118 -43.81 4.88 -16.96
N ALA B 119 -44.47 3.72 -17.06
CA ALA B 119 -45.67 3.65 -17.89
C ALA B 119 -46.65 4.75 -17.50
N LYS B 120 -46.79 5.02 -16.21
CA LYS B 120 -47.76 6.02 -15.77
C LYS B 120 -47.37 7.44 -16.15
N ASP B 121 -46.17 7.88 -15.77
CA ASP B 121 -45.78 9.28 -15.79
C ASP B 121 -45.19 9.72 -17.13
N SER B 122 -44.63 8.78 -17.89
CA SER B 122 -44.01 9.10 -19.17
C SER B 122 -44.17 7.91 -20.12
N PRO B 123 -45.41 7.66 -20.57
CA PRO B 123 -45.68 6.43 -21.35
C PRO B 123 -44.91 6.35 -22.66
N GLU B 124 -44.69 7.49 -23.34
CA GLU B 124 -44.00 7.44 -24.62
C GLU B 124 -42.53 7.12 -24.45
N LEU B 125 -41.89 7.76 -23.48
CA LEU B 125 -40.50 7.47 -23.16
C LEU B 125 -40.33 6.04 -22.68
N HIS B 126 -41.23 5.58 -21.80
CA HIS B 126 -41.14 4.22 -21.32
C HIS B 126 -41.29 3.24 -22.46
N LYS B 127 -42.12 3.58 -23.45
CA LYS B 127 -42.31 2.70 -24.60
C LYS B 127 -41.06 2.69 -25.46
N LEU B 128 -40.51 3.87 -25.73
CA LEU B 128 -39.26 3.98 -26.47
C LEU B 128 -38.18 3.08 -25.88
N LEU B 129 -37.99 3.17 -24.56
CA LEU B 129 -36.91 2.45 -23.91
C LEU B 129 -37.19 0.96 -23.75
N THR B 130 -38.45 0.57 -23.58
CA THR B 130 -38.75 -0.85 -23.48
C THR B 130 -38.60 -1.56 -24.81
N ASN B 131 -38.85 -0.87 -25.92
CA ASN B 131 -38.73 -1.46 -27.24
C ASN B 131 -37.28 -1.61 -27.71
N MET B 132 -36.33 -0.89 -27.10
CA MET B 132 -34.94 -0.96 -27.55
C MET B 132 -34.10 -1.82 -26.65
N ILE B 133 -34.72 -2.43 -25.65
CA ILE B 133 -33.99 -3.16 -24.62
C ILE B 133 -33.34 -4.40 -25.22
N ARG B 134 -34.06 -5.12 -26.06
CA ARG B 134 -33.48 -6.33 -26.63
C ARG B 134 -32.63 -6.04 -27.86
N ASP B 135 -32.76 -4.85 -28.47
CA ASP B 135 -31.88 -4.49 -29.56
C ASP B 135 -30.44 -4.37 -29.08
N ALA B 136 -30.26 -3.66 -27.96
CA ALA B 136 -28.95 -3.44 -27.35
C ALA B 136 -28.51 -4.63 -26.51
N GLY B 137 -29.45 -5.23 -25.76
CA GLY B 137 -29.08 -6.32 -24.89
C GLY B 137 -28.80 -7.62 -25.62
N ASP B 138 -29.47 -7.85 -26.76
CA ASP B 138 -29.34 -9.11 -27.48
C ASP B 138 -28.74 -8.95 -28.89
N LEU B 139 -29.34 -8.16 -29.78
CA LEU B 139 -28.89 -8.16 -31.17
C LEU B 139 -27.45 -7.69 -31.30
N ALA B 140 -27.12 -6.58 -30.65
CA ALA B 140 -25.78 -6.03 -30.68
C ALA B 140 -24.73 -6.97 -30.13
N THR B 141 -25.11 -7.98 -29.32
CA THR B 141 -24.12 -8.79 -28.62
C THR B 141 -24.05 -10.24 -29.08
N ARG B 142 -24.96 -10.72 -29.96
CA ARG B 142 -25.19 -12.16 -30.02
C ARG B 142 -24.04 -12.92 -30.67
N SER B 143 -23.61 -12.51 -31.85
CA SER B 143 -22.59 -13.31 -32.53
C SER B 143 -21.39 -13.52 -31.62
N ALA B 144 -20.96 -12.46 -30.95
CA ALA B 144 -19.77 -12.56 -30.12
C ALA B 144 -20.04 -13.46 -28.91
N LYS B 145 -21.16 -13.23 -28.21
CA LYS B 145 -21.49 -14.03 -27.03
C LYS B 145 -21.39 -15.49 -27.40
N GLU B 146 -21.96 -15.86 -28.55
CA GLU B 146 -22.09 -17.27 -28.87
C GLU B 146 -20.80 -17.87 -29.39
N TYR B 147 -19.93 -17.04 -29.95
CA TYR B 147 -18.71 -17.58 -30.47
C TYR B 147 -17.71 -17.85 -29.35
N TYR B 148 -17.55 -16.90 -28.41
CA TYR B 148 -16.54 -17.00 -27.36
C TYR B 148 -17.01 -17.75 -26.13
N MET B 149 -18.31 -17.82 -25.88
CA MET B 149 -18.84 -18.42 -24.66
C MET B 149 -17.89 -18.25 -23.46
N ARG B 150 -17.50 -17.01 -23.16
CA ARG B 150 -16.58 -16.79 -22.06
C ARG B 150 -17.25 -17.11 -20.71
N ILE B 151 -16.48 -17.72 -19.81
CA ILE B 151 -16.98 -18.02 -18.48
C ILE B 151 -17.11 -16.73 -17.68
N ARG B 152 -18.20 -16.63 -16.93
CA ARG B 152 -18.40 -15.50 -16.07
C ARG B 152 -17.50 -15.63 -14.85
N PRO B 153 -17.23 -14.53 -14.16
CA PRO B 153 -16.32 -14.61 -13.01
C PRO B 153 -16.84 -15.48 -11.87
N PHE B 154 -18.11 -15.40 -11.53
CA PHE B 154 -18.54 -16.23 -10.41
C PHE B 154 -18.39 -17.70 -10.73
N ALA B 155 -18.57 -18.09 -12.00
CA ALA B 155 -18.32 -19.49 -12.34
C ALA B 155 -16.82 -19.80 -12.31
N PHE B 156 -16.00 -18.88 -12.83
CA PHE B 156 -14.56 -19.11 -12.84
C PHE B 156 -14.01 -19.31 -11.42
N TYR B 157 -14.49 -18.53 -10.45
CA TYR B 157 -13.97 -18.63 -9.09
C TYR B 157 -14.78 -19.59 -8.24
N GLY B 158 -15.86 -20.15 -8.78
CA GLY B 158 -16.72 -21.04 -8.00
C GLY B 158 -17.32 -20.39 -6.77
N VAL B 159 -17.72 -19.13 -6.86
CA VAL B 159 -18.26 -18.42 -5.72
C VAL B 159 -19.54 -17.74 -6.17
N SER B 160 -20.33 -17.33 -5.19
CA SER B 160 -21.64 -16.76 -5.50
C SER B 160 -21.53 -15.25 -5.69
N THR B 161 -22.47 -14.70 -6.45
CA THR B 161 -22.55 -13.26 -6.57
C THR B 161 -23.05 -12.63 -5.27
N CYS B 162 -23.14 -11.31 -5.25
CA CYS B 162 -23.60 -10.54 -4.10
C CYS B 162 -25.12 -10.50 -4.03
N ASN B 163 -25.74 -11.15 -5.01
CA ASN B 163 -27.17 -11.21 -5.33
C ASN B 163 -27.55 -12.53 -6.03
N THR B 164 -27.90 -13.55 -5.22
CA THR B 164 -27.97 -14.93 -5.69
C THR B 164 -29.26 -15.26 -6.45
N LYS B 165 -30.04 -14.25 -6.84
CA LYS B 165 -31.37 -14.45 -7.40
C LYS B 165 -31.33 -14.69 -8.91
N GLU B 166 -30.46 -13.99 -9.63
CA GLU B 166 -30.37 -14.05 -11.08
C GLU B 166 -29.31 -15.02 -11.55
N GLN B 167 -28.52 -15.55 -10.61
CA GLN B 167 -27.31 -16.29 -10.92
C GLN B 167 -27.56 -17.52 -11.79
N ASP B 168 -28.36 -18.46 -11.27
CA ASP B 168 -28.46 -19.80 -11.80
C ASP B 168 -28.74 -19.82 -13.29
N LYS B 169 -29.51 -18.84 -13.77
CA LYS B 169 -29.85 -18.81 -15.18
C LYS B 169 -28.67 -18.31 -16.08
N LEU B 170 -28.00 -17.22 -15.70
CA LEU B 170 -26.97 -16.61 -16.56
C LEU B 170 -25.69 -17.44 -16.63
N SER B 171 -25.40 -18.22 -15.58
CA SER B 171 -24.09 -18.87 -15.44
C SER B 171 -23.58 -19.44 -16.74
N LYS B 172 -24.48 -20.09 -17.47
CA LYS B 172 -24.11 -20.78 -18.69
C LYS B 172 -23.82 -19.83 -19.84
N ASN B 173 -24.17 -18.55 -19.76
CA ASN B 173 -23.95 -17.79 -20.98
C ASN B 173 -22.49 -17.43 -21.15
N GLY B 174 -22.24 -16.84 -22.33
CA GLY B 174 -20.98 -16.21 -22.58
C GLY B 174 -20.97 -14.84 -21.94
N SER B 175 -19.90 -14.56 -21.20
CA SER B 175 -19.76 -13.33 -20.45
C SER B 175 -19.47 -12.13 -21.36
N TYR B 176 -18.85 -12.37 -22.52
CA TYR B 176 -18.25 -11.35 -23.37
C TYR B 176 -19.02 -11.22 -24.67
N PRO B 177 -19.58 -10.05 -25.01
CA PRO B 177 -19.73 -8.85 -24.15
C PRO B 177 -20.98 -8.90 -23.24
N SER B 178 -21.05 -7.99 -22.27
CA SER B 178 -22.17 -7.95 -21.31
C SER B 178 -23.43 -7.32 -21.93
N GLY B 179 -24.52 -8.09 -21.99
CA GLY B 179 -25.73 -7.54 -22.57
C GLY B 179 -26.36 -6.47 -21.69
N HIS B 180 -26.32 -6.67 -20.38
CA HIS B 180 -26.78 -5.63 -19.45
C HIS B 180 -26.04 -4.31 -19.70
N THR B 181 -24.72 -4.34 -19.84
CA THR B 181 -24.02 -3.06 -19.98
C THR B 181 -24.33 -2.40 -21.31
N SER B 182 -24.53 -3.19 -22.36
CA SER B 182 -24.90 -2.62 -23.65
C SER B 182 -26.26 -1.92 -23.56
N ILE B 183 -27.23 -2.57 -22.91
CA ILE B 183 -28.51 -1.93 -22.64
C ILE B 183 -28.32 -0.63 -21.86
N GLY B 184 -27.59 -0.68 -20.76
CA GLY B 184 -27.48 0.51 -19.92
C GLY B 184 -26.84 1.67 -20.65
N TRP B 185 -25.79 1.38 -21.42
CA TRP B 185 -25.07 2.45 -22.08
C TRP B 185 -25.89 3.00 -23.25
N ALA B 186 -26.63 2.13 -23.93
CA ALA B 186 -27.49 2.60 -25.02
C ALA B 186 -28.59 3.50 -24.49
N THR B 187 -29.25 3.05 -23.42
CA THR B 187 -30.28 3.88 -22.80
C THR B 187 -29.73 5.24 -22.39
N ALA B 188 -28.54 5.25 -21.80
CA ALA B 188 -27.96 6.53 -21.39
C ALA B 188 -27.71 7.43 -22.60
N LEU B 189 -27.27 6.88 -23.74
CA LEU B 189 -27.04 7.76 -24.88
C LEU B 189 -28.37 8.36 -25.37
N VAL B 190 -29.43 7.54 -25.41
CA VAL B 190 -30.72 8.04 -25.87
C VAL B 190 -31.27 9.12 -24.92
N LEU B 191 -31.37 8.79 -23.63
CA LEU B 191 -31.85 9.76 -22.64
C LEU B 191 -31.01 11.03 -22.67
N SER B 192 -29.69 10.94 -22.84
CA SER B 192 -28.95 12.19 -22.98
C SER B 192 -29.44 12.96 -24.18
N GLU B 193 -29.80 12.26 -25.26
CA GLU B 193 -30.28 13.01 -26.40
C GLU B 193 -31.58 13.75 -26.08
N ILE B 194 -32.37 13.19 -25.16
CA ILE B 194 -33.66 13.82 -24.87
C ILE B 194 -33.51 15.00 -23.90
N ASN B 195 -32.62 14.87 -22.93
CA ASN B 195 -32.47 15.86 -21.86
C ASN B 195 -31.00 16.20 -21.71
N PRO B 196 -30.44 16.93 -22.67
CA PRO B 196 -29.01 17.26 -22.60
C PRO B 196 -28.64 18.05 -21.36
N ALA B 197 -29.60 18.76 -20.76
CA ALA B 197 -29.36 19.55 -19.55
C ALA B 197 -28.74 18.72 -18.43
N ARG B 198 -29.03 17.41 -18.41
CA ARG B 198 -28.44 16.52 -17.39
C ARG B 198 -27.66 15.36 -18.02
N GLN B 199 -27.20 15.52 -19.27
CA GLN B 199 -26.43 14.47 -19.92
C GLN B 199 -25.29 13.95 -19.02
N ASP B 200 -24.55 14.85 -18.35
CA ASP B 200 -23.38 14.38 -17.61
C ASP B 200 -23.79 13.42 -16.51
N THR B 201 -24.90 13.72 -15.85
CA THR B 201 -25.39 12.82 -14.82
C THR B 201 -26.03 11.57 -15.42
N ILE B 202 -26.62 11.66 -16.61
CA ILE B 202 -27.16 10.44 -17.21
C ILE B 202 -26.03 9.52 -17.65
N LEU B 203 -25.06 10.08 -18.37
CA LEU B 203 -23.97 9.25 -18.87
C LEU B 203 -23.27 8.55 -17.71
N LYS B 204 -22.97 9.30 -16.65
CA LYS B 204 -22.32 8.70 -15.49
C LYS B 204 -23.13 7.53 -14.98
N ARG B 205 -24.44 7.74 -14.84
CA ARG B 205 -25.30 6.69 -14.31
C ARG B 205 -25.21 5.46 -15.18
N GLY B 206 -25.26 5.66 -16.50
CA GLY B 206 -25.11 4.54 -17.40
C GLY B 206 -23.77 3.86 -17.21
N TYR B 207 -22.70 4.67 -17.13
CA TYR B 207 -21.38 4.11 -16.87
C TYR B 207 -21.40 3.26 -15.61
N GLU B 208 -22.02 3.76 -14.54
CA GLU B 208 -21.96 3.03 -13.28
C GLU B 208 -22.73 1.74 -13.37
N LEU B 209 -23.72 1.65 -14.26
CA LEU B 209 -24.40 0.38 -14.35
C LEU B 209 -23.41 -0.71 -14.71
N GLY B 210 -22.51 -0.41 -15.65
CA GLY B 210 -21.51 -1.39 -16.00
C GLY B 210 -20.61 -1.74 -14.83
N ASP B 211 -20.12 -0.72 -14.13
CA ASP B 211 -19.23 -1.01 -13.02
C ASP B 211 -19.91 -1.91 -12.00
N SER B 212 -21.23 -1.77 -11.83
CA SER B 212 -21.90 -2.58 -10.81
C SER B 212 -21.82 -4.06 -11.16
N ARG B 213 -21.90 -4.38 -12.46
CA ARG B 213 -21.78 -5.75 -12.92
C ARG B 213 -20.40 -6.33 -12.60
N VAL B 214 -19.36 -5.48 -12.63
CA VAL B 214 -18.04 -5.93 -12.20
C VAL B 214 -18.01 -6.10 -10.69
N ILE B 215 -18.58 -5.16 -9.95
CA ILE B 215 -18.55 -5.27 -8.49
C ILE B 215 -19.25 -6.52 -8.01
N CYS B 216 -20.33 -6.90 -8.66
CA CYS B 216 -21.16 -7.95 -8.11
C CYS B 216 -20.77 -9.31 -8.64
N GLY B 217 -19.85 -9.33 -9.60
CA GLY B 217 -19.29 -10.56 -10.08
C GLY B 217 -19.95 -11.15 -11.31
N TYR B 218 -20.87 -10.44 -11.99
CA TYR B 218 -21.35 -11.18 -13.15
C TYR B 218 -20.51 -10.94 -14.40
N HIS B 219 -19.64 -9.94 -14.44
CA HIS B 219 -18.85 -9.73 -15.66
C HIS B 219 -17.42 -9.32 -15.31
N TRP B 220 -16.50 -9.64 -16.21
CA TRP B 220 -15.16 -9.10 -16.10
C TRP B 220 -15.17 -7.65 -16.54
N GLN B 221 -14.17 -6.91 -16.09
CA GLN B 221 -14.01 -5.54 -16.55
C GLN B 221 -14.02 -5.49 -18.07
N SER B 222 -13.32 -6.43 -18.72
CA SER B 222 -13.22 -6.34 -20.18
C SER B 222 -14.56 -6.63 -20.88
N ASP B 223 -15.45 -7.41 -20.24
CA ASP B 223 -16.80 -7.59 -20.79
C ASP B 223 -17.54 -6.25 -20.86
N VAL B 224 -17.48 -5.48 -19.78
CA VAL B 224 -18.16 -4.18 -19.72
C VAL B 224 -17.55 -3.20 -20.71
N ASP B 225 -16.22 -3.19 -20.79
CA ASP B 225 -15.55 -2.31 -21.75
C ASP B 225 -16.03 -2.56 -23.17
N ALA B 226 -16.17 -3.83 -23.58
CA ALA B 226 -16.60 -4.07 -24.96
C ALA B 226 -18.10 -3.86 -25.17
N ALA B 227 -18.91 -4.13 -24.15
CA ALA B 227 -20.33 -3.86 -24.24
C ALA B 227 -20.62 -2.39 -24.51
N ARG B 228 -19.81 -1.47 -23.98
CA ARG B 228 -20.17 -0.07 -24.23
C ARG B 228 -19.94 0.30 -25.70
N ILE B 229 -19.00 -0.37 -26.35
CA ILE B 229 -18.78 -0.14 -27.77
C ILE B 229 -19.94 -0.68 -28.58
N VAL B 230 -20.37 -1.91 -28.29
CA VAL B 230 -21.52 -2.38 -29.06
C VAL B 230 -22.79 -1.55 -28.73
N GLY B 231 -22.92 -1.03 -27.51
CA GLY B 231 -24.03 -0.13 -27.19
C GLY B 231 -24.06 1.12 -28.05
N SER B 232 -22.90 1.76 -28.22
CA SER B 232 -22.82 2.92 -29.12
C SER B 232 -23.25 2.55 -30.53
N ALA B 233 -22.74 1.40 -31.02
CA ALA B 233 -23.04 1.00 -32.38
C ALA B 233 -24.53 0.79 -32.60
N ILE B 234 -25.16 0.07 -31.68
CA ILE B 234 -26.57 -0.23 -31.86
C ILE B 234 -27.39 1.05 -31.74
N VAL B 235 -26.89 2.06 -31.03
CA VAL B 235 -27.64 3.31 -31.03
C VAL B 235 -27.57 3.98 -32.40
N ALA B 236 -26.42 3.91 -33.09
CA ALA B 236 -26.39 4.46 -34.44
C ALA B 236 -27.37 3.72 -35.35
N THR B 237 -27.36 2.39 -35.27
CA THR B 237 -28.28 1.62 -36.07
C THR B 237 -29.72 2.07 -35.83
N LEU B 238 -30.14 2.10 -34.55
CA LEU B 238 -31.50 2.52 -34.23
C LEU B 238 -31.82 3.89 -34.81
N HIS B 239 -30.83 4.78 -34.84
CA HIS B 239 -31.10 6.08 -35.43
C HIS B 239 -31.31 6.00 -36.92
N SER B 240 -31.02 4.87 -37.56
CA SER B 240 -31.43 4.78 -38.97
C SER B 240 -32.78 4.08 -39.16
N ASN B 241 -33.48 3.69 -38.10
CA ASN B 241 -34.71 2.91 -38.22
C ASN B 241 -35.94 3.79 -38.05
N PRO B 242 -36.89 3.83 -39.02
CA PRO B 242 -38.03 4.77 -38.91
C PRO B 242 -38.96 4.58 -37.72
N VAL B 243 -39.29 3.34 -37.33
CA VAL B 243 -40.18 3.17 -36.19
C VAL B 243 -39.57 3.80 -34.95
N PHE B 244 -38.28 3.51 -34.73
CA PHE B 244 -37.52 4.19 -33.68
C PHE B 244 -37.59 5.71 -33.80
N GLN B 245 -37.27 6.28 -34.98
CA GLN B 245 -37.25 7.74 -35.09
C GLN B 245 -38.59 8.33 -34.67
N ALA B 246 -39.69 7.70 -35.10
CA ALA B 246 -41.02 8.18 -34.74
C ALA B 246 -41.23 8.16 -33.23
N GLN B 247 -40.94 7.02 -32.60
CA GLN B 247 -41.16 6.92 -31.16
C GLN B 247 -40.27 7.90 -30.41
N LEU B 248 -39.06 8.11 -30.90
CA LEU B 248 -38.16 9.08 -30.30
C LEU B 248 -38.77 10.47 -30.37
N GLN B 249 -39.35 10.85 -31.51
CA GLN B 249 -39.99 12.16 -31.61
C GLN B 249 -41.17 12.29 -30.65
N LYS B 250 -42.00 11.24 -30.58
CA LYS B 250 -43.10 11.27 -29.63
C LYS B 250 -42.58 11.49 -28.21
N ALA B 251 -41.44 10.87 -27.87
CA ALA B 251 -40.92 11.00 -26.51
C ALA B 251 -40.32 12.38 -26.27
N LYS B 252 -39.64 12.94 -27.26
CA LYS B 252 -39.13 14.30 -27.10
C LYS B 252 -40.26 15.27 -26.84
N ASP B 253 -41.40 15.06 -27.51
CA ASP B 253 -42.55 15.93 -27.26
C ASP B 253 -43.14 15.71 -25.88
N GLU B 254 -43.30 14.45 -25.47
CA GLU B 254 -43.79 14.18 -24.11
C GLU B 254 -42.93 14.90 -23.07
N PHE B 255 -41.62 14.89 -23.27
CA PHE B 255 -40.72 15.44 -22.26
C PHE B 255 -40.78 16.96 -22.24
N ALA B 256 -40.87 17.58 -23.42
CA ALA B 256 -41.00 19.04 -23.41
C ALA B 256 -42.34 19.47 -22.83
N ASN B 257 -43.40 18.68 -23.03
CA ASN B 257 -44.70 19.05 -22.47
C ASN B 257 -44.76 18.87 -20.97
N ASN B 258 -44.02 17.91 -20.40
CA ASN B 258 -44.01 17.85 -18.95
C ASN B 258 -43.05 18.85 -18.32
N GLN B 259 -42.08 19.39 -19.07
CA GLN B 259 -41.26 20.49 -18.54
C GLN B 259 -42.05 21.79 -18.36
N GLY C 37 -8.07 7.86 22.36
CA GLY C 37 -7.97 6.52 22.88
C GLY C 37 -7.08 6.53 24.10
N ASN C 38 -6.86 5.33 24.61
CA ASN C 38 -5.99 5.06 25.73
C ASN C 38 -4.54 5.45 25.44
N ASP C 39 -3.91 6.08 26.44
CA ASP C 39 -2.52 6.53 26.44
C ASP C 39 -1.99 6.46 27.87
N VAL C 40 -0.90 7.20 28.15
CA VAL C 40 -0.25 7.07 29.46
C VAL C 40 -1.19 7.53 30.58
N THR C 41 -2.13 8.43 30.29
CA THR C 41 -3.04 8.98 31.29
C THR C 41 -4.14 8.02 31.72
N THR C 42 -4.38 6.91 31.01
CA THR C 42 -5.45 6.00 31.41
C THR C 42 -4.99 4.59 31.74
N LYS C 43 -3.87 4.10 31.20
CA LYS C 43 -3.31 2.81 31.58
C LYS C 43 -1.79 2.87 31.60
N PRO C 44 -1.20 3.46 32.65
CA PRO C 44 0.24 3.76 32.69
C PRO C 44 1.16 2.55 32.85
N ASP C 45 0.63 1.34 32.95
CA ASP C 45 1.46 0.14 32.97
C ASP C 45 1.82 -0.33 31.57
N LEU C 46 1.24 0.30 30.55
CA LEU C 46 1.42 -0.11 29.17
C LEU C 46 1.80 1.03 28.22
N TYR C 47 1.72 2.30 28.63
CA TYR C 47 2.18 3.44 27.84
C TYR C 47 3.11 4.33 28.67
N TYR C 48 4.11 4.90 27.99
CA TYR C 48 4.94 5.99 28.52
C TYR C 48 4.51 7.35 28.02
N LEU C 49 3.80 7.40 26.89
CA LEU C 49 3.56 8.61 26.13
C LEU C 49 2.09 9.05 26.11
N THR C 50 1.90 10.36 25.92
CA THR C 50 0.61 10.96 25.57
C THR C 50 0.25 10.82 24.11
N ASN C 51 -1.00 11.23 23.85
CA ASN C 51 -1.53 11.30 22.51
C ASN C 51 -0.81 12.34 21.66
N ASP C 52 -0.36 13.49 22.22
CA ASP C 52 0.45 14.36 21.35
C ASP C 52 1.84 13.86 21.16
N ASN C 53 2.38 13.09 22.10
CA ASN C 53 3.75 12.68 21.87
C ASN C 53 3.86 11.62 20.80
N ALA C 54 2.73 11.03 20.40
CA ALA C 54 2.72 9.92 19.47
C ALA C 54 3.03 10.37 18.05
N ILE C 55 3.67 9.47 17.31
CA ILE C 55 3.84 9.59 15.88
C ILE C 55 2.51 9.68 15.15
N ASP C 56 2.45 10.56 14.14
CA ASP C 56 1.35 10.56 13.18
C ASP C 56 1.71 9.56 12.09
N SER C 57 1.26 8.31 12.25
CA SER C 57 1.62 7.33 11.24
C SER C 57 0.99 7.66 9.90
N LEU C 58 -0.22 8.25 9.90
CA LEU C 58 -0.92 8.55 8.66
C LEU C 58 -0.18 9.56 7.79
N ALA C 59 0.50 10.53 8.40
CA ALA C 59 1.24 11.51 7.62
C ALA C 59 2.59 10.95 7.14
N LEU C 60 3.19 10.04 7.91
CA LEU C 60 4.54 9.56 7.61
C LEU C 60 4.53 8.52 6.49
N LEU C 61 3.60 7.55 6.56
CA LEU C 61 3.64 6.37 5.72
C LEU C 61 3.11 6.65 4.31
N PRO C 62 3.57 5.90 3.33
CA PRO C 62 2.87 5.86 2.04
C PRO C 62 1.58 5.08 2.20
N PRO C 63 0.59 5.27 1.34
CA PRO C 63 -0.60 4.41 1.38
C PRO C 63 -0.21 2.98 1.09
N PRO C 64 -1.00 2.01 1.52
CA PRO C 64 -0.73 0.62 1.14
C PRO C 64 -0.95 0.43 -0.35
N PRO C 65 -0.39 -0.63 -0.92
CA PRO C 65 -0.70 -0.99 -2.33
C PRO C 65 -2.19 -1.18 -2.59
N GLN C 66 -2.68 -0.62 -3.69
CA GLN C 66 -4.09 -0.83 -4.06
C GLN C 66 -4.27 -2.02 -5.01
N ILE C 67 -5.40 -2.69 -4.88
CA ILE C 67 -5.72 -3.79 -5.80
C ILE C 67 -5.72 -3.25 -7.22
N GLY C 68 -4.95 -3.92 -8.09
CA GLY C 68 -4.64 -3.39 -9.42
C GLY C 68 -3.18 -3.04 -9.60
N SER C 69 -2.44 -2.85 -8.51
CA SER C 69 -1.03 -2.47 -8.61
C SER C 69 -0.15 -3.71 -8.67
N ILE C 70 1.07 -3.50 -9.17
CA ILE C 70 2.07 -4.55 -9.15
C ILE C 70 2.44 -4.90 -7.71
N ALA C 71 2.53 -3.88 -6.86
CA ALA C 71 2.88 -4.12 -5.47
C ALA C 71 1.89 -5.06 -4.81
N PHE C 72 0.61 -4.95 -5.18
CA PHE C 72 -0.34 -5.86 -4.56
C PHE C 72 -0.27 -7.25 -5.18
N LEU C 73 0.12 -7.37 -6.45
CA LEU C 73 0.47 -8.71 -6.89
C LEU C 73 1.54 -9.32 -5.99
N ASN C 74 2.55 -8.53 -5.64
CA ASN C 74 3.62 -9.07 -4.82
C ASN C 74 3.14 -9.45 -3.43
N ASP C 75 2.28 -8.62 -2.82
CA ASP C 75 1.64 -9.02 -1.57
C ASP C 75 0.93 -10.38 -1.71
N GLN C 76 0.24 -10.61 -2.84
CA GLN C 76 -0.47 -11.88 -2.97
C GLN C 76 0.50 -13.05 -3.09
N ALA C 77 1.57 -12.84 -3.86
CA ALA C 77 2.59 -13.88 -4.00
C ALA C 77 3.23 -14.20 -2.65
N MET C 78 3.50 -13.17 -1.84
CA MET C 78 4.10 -13.41 -0.54
C MET C 78 3.14 -14.11 0.42
N TYR C 79 1.84 -13.84 0.32
CA TYR C 79 0.90 -14.61 1.12
C TYR C 79 0.93 -16.09 0.74
N GLU C 80 1.00 -16.40 -0.57
CA GLU C 80 1.04 -17.82 -0.94
C GLU C 80 2.34 -18.48 -0.49
N LYS C 81 3.47 -17.79 -0.66
CA LYS C 81 4.74 -18.35 -0.20
C LYS C 81 4.70 -18.62 1.29
N GLY C 82 4.12 -17.70 2.06
CA GLY C 82 4.00 -17.94 3.48
C GLY C 82 3.09 -19.10 3.79
N ARG C 83 1.99 -19.24 3.04
CA ARG C 83 1.06 -20.32 3.31
C ARG C 83 1.73 -21.69 3.14
N LEU C 84 2.50 -21.87 2.06
CA LEU C 84 3.16 -23.17 1.87
C LEU C 84 4.13 -23.54 3.00
N LEU C 85 4.54 -22.56 3.81
CA LEU C 85 5.44 -22.79 4.93
C LEU C 85 4.71 -23.18 6.22
N ARG C 86 3.39 -23.03 6.29
CA ARG C 86 2.71 -23.27 7.57
C ARG C 86 2.93 -24.68 8.11
N ASN C 87 3.12 -25.65 7.23
CA ASN C 87 3.32 -27.03 7.64
C ASN C 87 4.79 -27.42 7.61
N THR C 88 5.67 -26.59 8.17
CA THR C 88 7.07 -26.93 8.37
C THR C 88 7.45 -26.55 9.80
N GLU C 89 8.71 -26.78 10.17
CA GLU C 89 9.20 -26.22 11.43
C GLU C 89 9.01 -24.72 11.47
N ARG C 90 9.36 -24.03 10.38
CA ARG C 90 9.22 -22.57 10.32
C ARG C 90 7.76 -22.13 10.51
N GLY C 91 6.81 -22.92 10.02
CA GLY C 91 5.40 -22.60 10.24
C GLY C 91 4.96 -22.80 11.67
N LYS C 92 5.50 -23.82 12.34
CA LYS C 92 5.19 -24.04 13.75
C LYS C 92 5.71 -22.88 14.61
N LEU C 93 6.96 -22.47 14.37
CA LEU C 93 7.45 -21.29 15.05
C LEU C 93 6.59 -20.07 14.74
N ALA C 94 6.16 -19.92 13.48
CA ALA C 94 5.30 -18.79 13.14
C ALA C 94 4.05 -18.77 13.99
N ALA C 95 3.41 -19.93 14.16
CA ALA C 95 2.17 -19.97 14.93
C ALA C 95 2.41 -19.66 16.41
N GLU C 96 3.51 -20.18 16.96
CA GLU C 96 3.86 -19.84 18.34
C GLU C 96 4.12 -18.35 18.49
N ASP C 97 4.71 -17.71 17.48
CA ASP C 97 4.94 -16.27 17.54
C ASP C 97 3.65 -15.49 17.45
N ALA C 98 2.65 -16.04 16.76
CA ALA C 98 1.40 -15.32 16.70
C ALA C 98 0.52 -15.56 17.92
N ASN C 99 0.87 -16.54 18.77
CA ASN C 99 0.17 -16.70 20.05
C ASN C 99 0.40 -15.51 20.98
N LEU C 100 1.65 -15.07 21.12
CA LEU C 100 2.03 -14.05 22.09
C LEU C 100 0.99 -12.94 22.20
N SER C 101 0.41 -12.82 23.39
CA SER C 101 -0.22 -11.57 23.79
C SER C 101 0.87 -10.51 23.88
N SER C 102 0.52 -9.32 24.32
CA SER C 102 1.55 -8.29 24.52
C SER C 102 2.63 -8.78 25.47
N GLY C 103 2.25 -9.22 26.68
CA GLY C 103 3.21 -9.48 27.74
C GLY C 103 4.26 -10.53 27.43
N GLY C 104 4.03 -11.36 26.41
CA GLY C 104 4.98 -12.39 26.06
C GLY C 104 5.88 -12.09 24.89
N VAL C 105 5.83 -10.88 24.33
CA VAL C 105 6.78 -10.53 23.28
C VAL C 105 8.20 -10.40 23.84
N ALA C 106 8.35 -9.64 24.92
CA ALA C 106 9.60 -9.67 25.68
C ALA C 106 10.15 -11.09 25.77
N ASN C 107 9.33 -12.02 26.28
CA ASN C 107 9.78 -13.38 26.58
C ASN C 107 10.37 -14.08 25.37
N VAL C 108 9.81 -13.87 24.17
CA VAL C 108 10.19 -14.63 22.98
C VAL C 108 11.54 -14.20 22.42
N PHE C 109 12.15 -13.16 22.95
CA PHE C 109 13.49 -12.74 22.58
C PHE C 109 14.56 -13.37 23.44
N SER C 110 14.19 -14.26 24.37
CA SER C 110 15.16 -14.72 25.36
C SER C 110 16.33 -15.43 24.70
N ALA C 111 16.07 -16.43 23.86
CA ALA C 111 17.17 -17.13 23.20
C ALA C 111 18.12 -16.17 22.46
N ALA C 112 17.57 -15.19 21.74
CA ALA C 112 18.41 -14.25 21.01
C ALA C 112 19.15 -13.30 21.97
N PHE C 113 18.50 -12.92 23.06
CA PHE C 113 19.11 -11.97 24.00
C PHE C 113 20.22 -12.62 24.81
N GLY C 114 20.22 -13.95 24.96
CA GLY C 114 21.23 -14.68 25.70
C GLY C 114 20.82 -15.11 27.10
N SER C 115 19.65 -14.68 27.59
CA SER C 115 19.18 -15.03 28.92
C SER C 115 17.68 -14.76 29.00
N PRO C 116 16.97 -15.34 29.99
CA PRO C 116 15.51 -15.18 30.03
C PRO C 116 15.08 -13.78 30.45
N ILE C 117 14.06 -13.29 29.76
CA ILE C 117 13.42 -12.01 30.06
C ILE C 117 12.08 -12.33 30.70
N THR C 118 11.97 -12.14 32.01
CA THR C 118 10.80 -12.54 32.78
C THR C 118 10.66 -11.61 33.97
N ALA C 119 9.43 -11.47 34.48
CA ALA C 119 9.24 -10.70 35.70
C ALA C 119 10.13 -11.23 36.82
N LYS C 120 10.33 -12.55 36.85
CA LYS C 120 11.14 -13.17 37.89
C LYS C 120 12.63 -12.88 37.72
N ASP C 121 13.18 -13.17 36.53
CA ASP C 121 14.64 -13.25 36.32
C ASP C 121 15.29 -11.92 35.95
N SER C 122 14.56 -11.05 35.32
CA SER C 122 15.07 -9.76 34.90
C SER C 122 13.93 -8.77 34.98
N PRO C 123 13.46 -8.49 36.20
CA PRO C 123 12.22 -7.72 36.37
C PRO C 123 12.29 -6.28 35.89
N GLU C 124 13.44 -5.60 36.00
CA GLU C 124 13.45 -4.20 35.58
C GLU C 124 13.37 -4.11 34.07
N LEU C 125 14.03 -5.04 33.38
CA LEU C 125 13.92 -5.13 31.92
C LEU C 125 12.51 -5.50 31.50
N HIS C 126 11.90 -6.47 32.19
CA HIS C 126 10.54 -6.86 31.83
C HIS C 126 9.58 -5.71 32.03
N LYS C 127 9.80 -4.91 33.07
CA LYS C 127 8.89 -3.81 33.34
C LYS C 127 9.02 -2.77 32.25
N LEU C 128 10.26 -2.42 31.88
CA LEU C 128 10.51 -1.51 30.75
C LEU C 128 9.82 -1.98 29.45
N LEU C 129 9.97 -3.26 29.09
CA LEU C 129 9.39 -3.75 27.84
C LEU C 129 7.86 -3.83 27.91
N THR C 130 7.27 -4.08 29.08
CA THR C 130 5.81 -4.10 29.19
C THR C 130 5.19 -2.71 29.10
N ASN C 131 5.90 -1.69 29.57
CA ASN C 131 5.42 -0.31 29.50
C ASN C 131 5.48 0.36 28.14
N MET C 132 6.22 -0.18 27.18
CA MET C 132 6.32 0.43 25.86
C MET C 132 5.48 -0.34 24.84
N ILE C 133 4.77 -1.36 25.27
CA ILE C 133 4.14 -2.24 24.31
C ILE C 133 3.01 -1.52 23.58
N ARG C 134 2.27 -0.69 24.29
CA ARG C 134 1.16 0.04 23.68
C ARG C 134 1.56 1.33 22.98
N ASP C 135 2.72 1.90 23.30
CA ASP C 135 3.21 3.04 22.53
C ASP C 135 3.42 2.62 21.08
N ALA C 136 4.07 1.47 20.89
CA ALA C 136 4.41 0.92 19.57
C ALA C 136 3.25 0.19 18.91
N GLY C 137 2.47 -0.60 19.67
CA GLY C 137 1.40 -1.36 19.05
C GLY C 137 0.20 -0.53 18.70
N ASP C 138 -0.08 0.52 19.49
CA ASP C 138 -1.30 1.31 19.37
C ASP C 138 -1.02 2.76 18.98
N LEU C 139 -0.24 3.51 19.75
CA LEU C 139 -0.11 4.93 19.51
C LEU C 139 0.56 5.22 18.16
N ALA C 140 1.67 4.54 17.88
CA ALA C 140 2.37 4.75 16.63
C ALA C 140 1.53 4.38 15.41
N THR C 141 0.51 3.52 15.57
CA THR C 141 -0.18 2.96 14.42
C THR C 141 -1.62 3.41 14.28
N ARG C 142 -2.16 4.15 15.25
CA ARG C 142 -3.61 4.26 15.33
C ARG C 142 -4.16 5.08 14.17
N SER C 143 -3.60 6.26 13.93
CA SER C 143 -4.15 7.14 12.89
C SER C 143 -4.16 6.46 11.52
N ALA C 144 -3.14 5.66 11.20
CA ALA C 144 -3.14 4.98 9.89
C ALA C 144 -4.11 3.80 9.88
N LYS C 145 -4.06 2.94 10.91
CA LYS C 145 -4.95 1.78 10.92
C LYS C 145 -6.38 2.17 10.62
N GLU C 146 -6.86 3.20 11.32
CA GLU C 146 -8.27 3.56 11.23
C GLU C 146 -8.59 4.28 9.93
N TYR C 147 -7.59 4.91 9.30
CA TYR C 147 -7.89 5.63 8.08
C TYR C 147 -8.02 4.70 6.88
N TYR C 148 -7.13 3.72 6.75
CA TYR C 148 -7.16 2.84 5.60
C TYR C 148 -8.06 1.63 5.82
N MET C 149 -8.25 1.23 7.09
CA MET C 149 -8.96 0.01 7.42
C MET C 149 -8.73 -1.07 6.37
N ARG C 150 -7.47 -1.42 6.13
CA ARG C 150 -7.15 -2.43 5.13
C ARG C 150 -7.64 -3.78 5.62
N ILE C 151 -8.20 -4.56 4.70
CA ILE C 151 -8.59 -5.93 5.03
C ILE C 151 -7.34 -6.80 5.15
N ARG C 152 -7.36 -7.69 6.13
CA ARG C 152 -6.31 -8.67 6.37
C ARG C 152 -6.37 -9.84 5.38
N PRO C 153 -5.25 -10.54 5.20
CA PRO C 153 -5.23 -11.63 4.21
C PRO C 153 -6.20 -12.78 4.49
N PHE C 154 -6.31 -13.25 5.75
CA PHE C 154 -7.23 -14.36 5.97
C PHE C 154 -8.67 -13.98 5.65
N ALA C 155 -9.05 -12.72 5.89
CA ALA C 155 -10.39 -12.26 5.52
C ALA C 155 -10.50 -12.10 4.02
N PHE C 156 -9.46 -11.56 3.38
CA PHE C 156 -9.49 -11.37 1.93
C PHE C 156 -9.73 -12.70 1.22
N TYR C 157 -9.09 -13.78 1.71
CA TYR C 157 -9.14 -15.11 1.10
C TYR C 157 -10.22 -16.02 1.71
N GLY C 158 -10.92 -15.57 2.74
CA GLY C 158 -11.93 -16.41 3.39
C GLY C 158 -11.43 -17.72 3.96
N VAL C 159 -10.21 -17.74 4.50
CA VAL C 159 -9.62 -18.96 5.05
C VAL C 159 -8.97 -18.61 6.38
N SER C 160 -8.63 -19.63 7.17
CA SER C 160 -8.17 -19.41 8.53
C SER C 160 -6.68 -19.14 8.59
N THR C 161 -6.27 -18.43 9.63
CA THR C 161 -4.86 -18.27 9.92
C THR C 161 -4.30 -19.58 10.46
N CYS C 162 -3.02 -19.59 10.81
CA CYS C 162 -2.42 -20.83 11.26
C CYS C 162 -2.58 -21.10 12.76
N ASN C 163 -3.16 -20.18 13.54
CA ASN C 163 -3.74 -20.53 14.85
C ASN C 163 -4.99 -19.67 15.00
N THR C 164 -6.14 -20.30 15.09
CA THR C 164 -7.40 -19.58 14.95
C THR C 164 -7.88 -18.87 16.23
N LYS C 165 -7.07 -18.75 17.29
CA LYS C 165 -7.53 -18.22 18.57
C LYS C 165 -7.57 -16.71 18.52
N GLU C 166 -6.81 -16.20 17.58
CA GLU C 166 -6.04 -14.99 17.63
C GLU C 166 -6.51 -14.09 16.52
N GLN C 167 -7.50 -14.63 15.82
CA GLN C 167 -8.15 -14.16 14.61
C GLN C 167 -9.44 -13.41 14.97
N ASP C 168 -10.37 -14.12 15.63
CA ASP C 168 -11.76 -13.68 15.86
C ASP C 168 -11.85 -12.20 16.23
N LYS C 169 -10.94 -11.73 17.08
CA LYS C 169 -10.73 -10.31 17.33
C LYS C 169 -10.04 -9.42 16.31
N LEU C 170 -8.85 -9.82 15.84
CA LEU C 170 -8.05 -8.94 14.99
C LEU C 170 -8.77 -8.70 13.68
N SER C 171 -9.62 -9.65 13.26
CA SER C 171 -10.28 -9.58 11.95
C SER C 171 -10.84 -8.20 11.66
N LYS C 172 -11.49 -7.60 12.66
CA LYS C 172 -12.20 -6.33 12.47
C LYS C 172 -11.24 -5.16 12.28
N ASN C 173 -9.95 -5.35 12.59
CA ASN C 173 -8.98 -4.27 12.54
C ASN C 173 -8.54 -3.91 11.12
N GLY C 174 -7.83 -2.79 11.06
CA GLY C 174 -7.12 -2.40 9.88
C GLY C 174 -5.78 -3.09 9.87
N SER C 175 -5.44 -3.66 8.71
CA SER C 175 -4.22 -4.44 8.56
C SER C 175 -2.99 -3.53 8.45
N TYR C 176 -3.16 -2.30 7.97
CA TYR C 176 -2.04 -1.45 7.59
C TYR C 176 -1.91 -0.26 8.52
N PRO C 177 -0.77 -0.08 9.22
CA PRO C 177 0.36 -1.03 9.42
C PRO C 177 0.14 -2.02 10.55
N SER C 178 1.03 -3.00 10.68
CA SER C 178 0.95 -4.04 11.71
C SER C 178 1.41 -3.56 13.11
N GLY C 179 0.52 -3.67 14.10
CA GLY C 179 0.88 -3.24 15.47
C GLY C 179 1.82 -4.20 16.16
N HIS C 180 1.52 -5.51 16.14
CA HIS C 180 2.59 -6.52 16.17
C HIS C 180 3.94 -6.11 15.68
N THR C 181 4.06 -6.00 14.37
CA THR C 181 5.41 -5.92 13.84
C THR C 181 6.10 -4.69 14.38
N SER C 182 5.32 -3.66 14.61
CA SER C 182 5.87 -2.43 15.18
C SER C 182 6.40 -2.69 16.58
N ILE C 183 5.62 -3.37 17.43
CA ILE C 183 6.07 -3.74 18.77
C ILE C 183 7.35 -4.55 18.69
N GLY C 184 7.35 -5.60 17.89
CA GLY C 184 8.48 -6.48 17.87
C GLY C 184 9.75 -5.79 17.41
N TRP C 185 9.64 -4.96 16.39
CA TRP C 185 10.84 -4.32 15.89
C TRP C 185 11.34 -3.28 16.87
N ALA C 186 10.43 -2.53 17.52
CA ALA C 186 10.89 -1.59 18.54
C ALA C 186 11.59 -2.33 19.67
N THR C 187 11.01 -3.43 20.13
CA THR C 187 11.62 -4.18 21.19
C THR C 187 13.03 -4.62 20.81
N ALA C 188 13.20 -5.11 19.58
CA ALA C 188 14.53 -5.54 19.15
C ALA C 188 15.52 -4.38 19.13
N LEU C 189 15.06 -3.17 18.79
CA LEU C 189 15.98 -2.03 18.80
C LEU C 189 16.43 -1.69 20.22
N VAL C 190 15.49 -1.72 21.18
CA VAL C 190 15.83 -1.42 22.57
C VAL C 190 16.79 -2.48 23.13
N LEU C 191 16.42 -3.76 22.96
CA LEU C 191 17.29 -4.83 23.39
C LEU C 191 18.67 -4.73 22.74
N SER C 192 18.73 -4.33 21.46
CA SER C 192 20.04 -4.18 20.84
C SER C 192 20.85 -3.10 21.51
N GLU C 193 20.19 -2.02 21.93
CA GLU C 193 20.91 -0.99 22.65
C GLU C 193 21.42 -1.53 24.00
N ILE C 194 20.74 -2.53 24.57
CA ILE C 194 21.15 -2.99 25.89
C ILE C 194 22.25 -4.05 25.80
N ASN C 195 22.26 -4.92 24.79
CA ASN C 195 23.26 -5.99 24.68
C ASN C 195 23.82 -6.07 23.24
N PRO C 196 24.65 -5.10 22.84
CA PRO C 196 25.14 -5.09 21.46
C PRO C 196 25.93 -6.32 21.07
N ALA C 197 26.52 -7.02 22.05
CA ALA C 197 27.26 -8.23 21.70
C ALA C 197 26.39 -9.19 20.91
N ARG C 198 25.06 -9.09 21.06
CA ARG C 198 24.17 -9.99 20.32
C ARG C 198 23.19 -9.26 19.41
N GLN C 199 23.47 -7.99 19.06
CA GLN C 199 22.58 -7.26 18.17
C GLN C 199 22.18 -8.07 16.93
N ASP C 200 23.14 -8.76 16.30
CA ASP C 200 22.81 -9.43 15.04
C ASP C 200 21.78 -10.53 15.25
N THR C 201 21.94 -11.36 16.29
CA THR C 201 20.86 -12.28 16.62
C THR C 201 19.64 -11.64 17.20
N ILE C 202 19.77 -10.55 17.92
CA ILE C 202 18.56 -9.92 18.41
C ILE C 202 17.78 -9.36 17.24
N LEU C 203 18.46 -8.58 16.39
CA LEU C 203 17.77 -7.94 15.26
C LEU C 203 17.14 -8.97 14.30
N LYS C 204 17.89 -10.05 13.90
CA LYS C 204 17.25 -11.06 13.02
C LYS C 204 15.98 -11.55 13.69
N ARG C 205 16.05 -11.81 14.99
CA ARG C 205 14.87 -12.36 15.64
C ARG C 205 13.69 -11.43 15.51
N GLY C 206 13.92 -10.14 15.74
CA GLY C 206 12.86 -9.17 15.57
C GLY C 206 12.35 -9.16 14.15
N TYR C 207 13.25 -9.17 13.18
CA TYR C 207 12.80 -9.25 11.80
C TYR C 207 11.92 -10.48 11.59
N GLU C 208 12.33 -11.63 12.14
CA GLU C 208 11.56 -12.83 11.86
C GLU C 208 10.16 -12.76 12.42
N LEU C 209 9.94 -11.95 13.48
CA LEU C 209 8.59 -11.86 14.02
C LEU C 209 7.63 -11.33 12.96
N GLY C 210 8.06 -10.31 12.22
CA GLY C 210 7.19 -9.80 11.18
C GLY C 210 6.92 -10.87 10.15
N ASP C 211 7.99 -11.59 9.75
CA ASP C 211 7.78 -12.65 8.77
C ASP C 211 6.80 -13.68 9.27
N SER C 212 6.76 -13.90 10.59
CA SER C 212 5.82 -14.89 11.09
C SER C 212 4.37 -14.47 10.82
N ARG C 213 4.07 -13.17 10.99
CA ARG C 213 2.73 -12.67 10.69
C ARG C 213 2.39 -12.88 9.22
N VAL C 214 3.39 -12.81 8.33
CA VAL C 214 3.11 -13.05 6.91
C VAL C 214 2.84 -14.53 6.69
N ILE C 215 3.68 -15.38 7.28
CA ILE C 215 3.52 -16.82 7.09
C ILE C 215 2.15 -17.28 7.55
N CYS C 216 1.62 -16.63 8.57
CA CYS C 216 0.44 -17.14 9.26
C CYS C 216 -0.85 -16.51 8.75
N GLY C 217 -0.75 -15.52 7.88
CA GLY C 217 -1.90 -14.91 7.23
C GLY C 217 -2.49 -13.71 7.93
N TYR C 218 -1.84 -13.22 8.98
CA TYR C 218 -2.38 -12.11 9.72
C TYR C 218 -2.16 -10.79 9.01
N HIS C 219 -1.09 -10.67 8.21
CA HIS C 219 -0.77 -9.40 7.59
C HIS C 219 -0.19 -9.60 6.20
N TRP C 220 -0.38 -8.58 5.37
CA TRP C 220 0.33 -8.54 4.10
C TRP C 220 1.77 -8.14 4.36
N GLN C 221 2.64 -8.54 3.43
CA GLN C 221 4.06 -8.19 3.53
C GLN C 221 4.23 -6.67 3.67
N SER C 222 3.48 -5.88 2.90
CA SER C 222 3.68 -4.43 3.01
C SER C 222 3.19 -3.87 4.36
N ASP C 223 2.29 -4.57 5.05
CA ASP C 223 1.93 -4.14 6.41
C ASP C 223 3.14 -4.22 7.32
N VAL C 224 3.88 -5.32 7.23
CA VAL C 224 5.07 -5.48 8.06
C VAL C 224 6.15 -4.45 7.67
N ASP C 225 6.34 -4.24 6.36
CA ASP C 225 7.32 -3.26 5.89
C ASP C 225 7.07 -1.88 6.51
N ALA C 226 5.80 -1.43 6.56
CA ALA C 226 5.58 -0.10 7.11
C ALA C 226 5.63 -0.10 8.64
N ALA C 227 5.20 -1.22 9.25
CA ALA C 227 5.29 -1.34 10.68
C ALA C 227 6.71 -1.12 11.18
N ARG C 228 7.73 -1.56 10.42
CA ARG C 228 9.09 -1.40 10.95
C ARG C 228 9.57 0.06 10.92
N ILE C 229 9.03 0.86 10.01
CA ILE C 229 9.36 2.28 10.01
C ILE C 229 8.74 2.93 11.23
N VAL C 230 7.45 2.67 11.46
CA VAL C 230 6.87 3.28 12.67
C VAL C 230 7.53 2.72 13.95
N GLY C 231 8.03 1.48 13.92
CA GLY C 231 8.77 0.96 15.07
C GLY C 231 10.00 1.79 15.41
N SER C 232 10.82 2.10 14.39
CA SER C 232 11.97 2.98 14.59
C SER C 232 11.54 4.34 15.11
N ALA C 233 10.48 4.91 14.55
CA ALA C 233 10.07 6.24 14.99
C ALA C 233 9.70 6.25 16.47
N ILE C 234 8.87 5.28 16.88
CA ILE C 234 8.42 5.29 18.25
C ILE C 234 9.57 5.01 19.22
N VAL C 235 10.62 4.33 18.75
CA VAL C 235 11.79 4.17 19.63
C VAL C 235 12.47 5.52 19.86
N ALA C 236 12.56 6.35 18.82
CA ALA C 236 13.17 7.67 19.04
C ALA C 236 12.35 8.48 20.03
N THR C 237 11.03 8.52 19.81
CA THR C 237 10.18 9.27 20.73
C THR C 237 10.39 8.82 22.18
N LEU C 238 10.39 7.49 22.40
CA LEU C 238 10.67 6.96 23.74
C LEU C 238 12.02 7.44 24.29
N HIS C 239 13.02 7.57 23.43
CA HIS C 239 14.30 8.08 23.91
C HIS C 239 14.25 9.55 24.29
N SER C 240 13.15 10.25 23.98
CA SER C 240 13.00 11.61 24.50
C SER C 240 12.18 11.66 25.80
N ASN C 241 11.73 10.53 26.33
CA ASN C 241 10.80 10.54 27.45
C ASN C 241 11.48 10.24 28.78
N PRO C 242 11.38 11.14 29.76
CA PRO C 242 12.11 10.94 31.04
C PRO C 242 11.77 9.66 31.76
N VAL C 243 10.49 9.28 31.81
CA VAL C 243 10.15 8.04 32.51
C VAL C 243 10.83 6.86 31.84
N PHE C 244 10.68 6.78 30.51
CA PHE C 244 11.39 5.77 29.74
C PHE C 244 12.89 5.81 30.03
N GLN C 245 13.48 7.00 30.01
CA GLN C 245 14.92 7.10 30.23
C GLN C 245 15.30 6.44 31.57
N ALA C 246 14.57 6.76 32.64
CA ALA C 246 14.88 6.19 33.95
C ALA C 246 14.79 4.67 33.92
N GLN C 247 13.69 4.15 33.37
CA GLN C 247 13.51 2.71 33.38
C GLN C 247 14.59 2.02 32.56
N LEU C 248 14.96 2.62 31.43
CA LEU C 248 16.03 2.08 30.59
C LEU C 248 17.35 2.04 31.34
N GLN C 249 17.63 3.08 32.12
CA GLN C 249 18.87 3.05 32.90
C GLN C 249 18.81 1.92 33.91
N LYS C 250 17.67 1.78 34.61
CA LYS C 250 17.57 0.66 35.55
C LYS C 250 17.82 -0.66 34.84
N ALA C 251 17.34 -0.80 33.61
CA ALA C 251 17.49 -2.08 32.92
C ALA C 251 18.93 -2.32 32.50
N LYS C 252 19.61 -1.27 32.04
CA LYS C 252 21.03 -1.40 31.73
C LYS C 252 21.84 -1.79 32.96
N ASP C 253 21.49 -1.24 34.13
CA ASP C 253 22.20 -1.61 35.36
C ASP C 253 21.90 -3.05 35.76
N GLU C 254 20.64 -3.49 35.60
CA GLU C 254 20.32 -4.89 35.82
C GLU C 254 21.23 -5.78 34.98
N PHE C 255 21.41 -5.40 33.72
CA PHE C 255 22.17 -6.23 32.79
C PHE C 255 23.66 -6.21 33.12
N ALA C 256 24.19 -5.06 33.58
CA ALA C 256 25.59 -4.98 33.98
C ALA C 256 25.87 -5.77 35.27
N ASN C 257 24.93 -5.74 36.23
CA ASN C 257 25.12 -6.51 37.46
C ASN C 257 25.01 -8.00 37.21
#